data_7H6Y
#
_entry.id   7H6Y
#
_cell.length_a   87.326
_cell.length_b   87.326
_cell.length_c   85.671
_cell.angle_alpha   90.00
_cell.angle_beta   90.00
_cell.angle_gamma   120.00
#
_symmetry.space_group_name_H-M   'P 31'
#
loop_
_entity.id
_entity.type
_entity.pdbx_description
1 polymer 'Non-structural protein 3'
2 non-polymer 'DIMETHYL SULFOXIDE'
3 non-polymer 2-AMINO-2-HYDROXYMETHYL-PROPANE-1,3-DIOL
4 non-polymer 'CHLORIDE ION'
5 non-polymer 5-(methoxymethyl)-1,2-oxazole-3-carboxamide
6 water water
#
_entity_poly.entity_id   1
_entity_poly.type   'polypeptide(L)'
_entity_poly.pdbx_seq_one_letter_code
;GAMAPSYRVKRMDIAKNDEECVVNAANPRGLPGDGVCKAVYKKWPESFKNSATPVGTAKTVMCGTYPVIHAVGPNFSNYT
ESEGDRELAAAYREVAKEVTRLGVNSVAIPLLSTGVYSGGKDRLTQSLNHLFTAMDSTDADVVIYCRDKEWEKKISEAIQ
MRT
;
_entity_poly.pdbx_strand_id   A,B,C,D
#
loop_
_chem_comp.id
_chem_comp.type
_chem_comp.name
_chem_comp.formula
CL non-polymer 'CHLORIDE ION' 'Cl -1'
DMS non-polymer 'DIMETHYL SULFOXIDE' 'C2 H6 O S'
TRS non-polymer 2-AMINO-2-HYDROXYMETHYL-PROPANE-1,3-DIOL 'C4 H12 N O3 1'
Z5C non-polymer 5-(methoxymethyl)-1,2-oxazole-3-carboxamide 'C6 H8 N2 O3'
#
# COMPACT_ATOMS: atom_id res chain seq x y z
N GLY A 1 -24.29 2.40 -1.69
CA GLY A 1 -24.64 2.00 -3.10
C GLY A 1 -24.15 3.03 -4.10
N ALA A 2 -24.07 2.65 -5.38
CA ALA A 2 -23.74 3.62 -6.44
C ALA A 2 -24.94 4.53 -6.71
N MET A 3 -24.78 5.79 -7.15
CA MET A 3 -25.99 6.65 -7.33
C MET A 3 -26.89 6.16 -8.49
N ALA A 4 -26.29 5.56 -9.51
CA ALA A 4 -27.03 4.98 -10.67
C ALA A 4 -26.34 3.68 -11.08
N PRO A 5 -26.54 2.59 -10.30
CA PRO A 5 -25.82 1.35 -10.52
C PRO A 5 -25.75 0.94 -12.00
N SER A 6 -24.57 0.61 -12.51
CA SER A 6 -24.29 0.36 -13.94
C SER A 6 -23.51 -0.94 -14.10
N TYR A 7 -23.53 -1.47 -15.32
CA TYR A 7 -22.58 -2.47 -15.83
C TYR A 7 -21.72 -1.84 -16.89
N ARG A 8 -20.43 -2.15 -16.87
CA ARG A 8 -19.46 -1.75 -17.88
C ARG A 8 -18.54 -2.91 -18.17
N VAL A 9 -17.83 -2.84 -19.30
CA VAL A 9 -16.84 -3.86 -19.64
C VAL A 9 -15.56 -3.19 -20.08
N LYS A 10 -14.43 -3.71 -19.62
CA LYS A 10 -13.09 -3.24 -20.04
C LYS A 10 -12.22 -4.42 -20.44
N ARG A 11 -11.42 -4.21 -21.48
CA ARG A 11 -10.46 -5.21 -21.98
C ARG A 11 -9.08 -4.82 -21.48
N MET A 12 -8.70 -5.43 -20.36
CA MET A 12 -7.41 -5.15 -19.70
C MET A 12 -7.25 -6.11 -18.51
N ASP A 13 -6.08 -6.10 -17.92
CA ASP A 13 -5.73 -6.91 -16.72
C ASP A 13 -6.53 -6.41 -15.51
N ILE A 14 -7.33 -7.31 -14.92
CA ILE A 14 -8.17 -7.02 -13.71
C ILE A 14 -7.29 -6.61 -12.53
N ALA A 15 -5.99 -6.97 -12.51
CA ALA A 15 -5.04 -6.52 -11.46
C ALA A 15 -4.80 -4.99 -11.52
N LYS A 16 -5.22 -4.28 -12.57
CA LYS A 16 -5.11 -2.81 -12.74
C LYS A 16 -6.51 -2.17 -12.60
N ASN A 17 -7.48 -2.84 -11.98
CA ASN A 17 -8.86 -2.31 -11.88
C ASN A 17 -8.91 -1.00 -11.07
N ASP A 18 -9.95 -0.23 -11.33
CA ASP A 18 -10.27 1.04 -10.64
C ASP A 18 -11.52 0.90 -9.78
N GLU A 19 -11.77 -0.29 -9.23
CA GLU A 19 -12.96 -0.54 -8.38
C GLU A 19 -12.58 -0.75 -6.92
N GLU A 20 -13.58 -0.84 -6.04
CA GLU A 20 -13.35 -0.88 -4.58
C GLU A 20 -13.03 -2.29 -4.08
N CYS A 21 -13.20 -3.30 -4.93
CA CYS A 21 -12.82 -4.68 -4.61
C CYS A 21 -12.72 -5.47 -5.91
N VAL A 22 -12.16 -6.67 -5.80
CA VAL A 22 -11.93 -7.54 -6.97
C VAL A 22 -12.47 -8.93 -6.69
N VAL A 23 -12.95 -9.58 -7.73
CA VAL A 23 -13.32 -11.02 -7.69
C VAL A 23 -12.21 -11.76 -8.40
N ASN A 24 -11.60 -12.72 -7.70
CA ASN A 24 -10.61 -13.64 -8.29
C ASN A 24 -11.35 -14.86 -8.86
N ALA A 25 -10.98 -15.27 -10.05
CA ALA A 25 -11.40 -16.58 -10.62
C ALA A 25 -10.48 -17.66 -10.03
N ALA A 26 -10.75 -18.03 -8.79
CA ALA A 26 -9.88 -18.86 -7.93
C ALA A 26 -10.02 -20.35 -8.26
N ASN A 27 -9.01 -21.10 -7.77
CA ASN A 27 -9.11 -22.57 -7.66
C ASN A 27 -9.56 -22.91 -6.25
N PRO A 28 -10.08 -24.12 -6.01
CA PRO A 28 -10.56 -24.48 -4.67
C PRO A 28 -9.48 -24.57 -3.58
N ARG A 29 -8.21 -24.65 -3.96
CA ARG A 29 -7.11 -24.90 -3.01
C ARG A 29 -6.36 -23.65 -2.62
N GLY A 30 -6.77 -22.48 -3.10
CA GLY A 30 -6.07 -21.24 -2.77
C GLY A 30 -4.66 -21.22 -3.31
N LEU A 31 -4.40 -21.88 -4.45
CA LEU A 31 -3.07 -21.89 -5.11
C LEU A 31 -2.95 -20.73 -6.06
N PRO A 32 -1.72 -20.25 -6.36
CA PRO A 32 -1.53 -19.17 -7.34
C PRO A 32 -2.16 -19.41 -8.70
N GLY A 33 -2.21 -20.64 -9.19
CA GLY A 33 -2.98 -20.90 -10.43
C GLY A 33 -2.39 -20.25 -11.68
N ASP A 34 -3.21 -20.04 -12.71
CA ASP A 34 -2.81 -19.37 -13.98
C ASP A 34 -3.87 -18.34 -14.38
N GLY A 35 -3.57 -17.56 -15.42
CA GLY A 35 -4.52 -16.56 -15.98
C GLY A 35 -4.90 -15.48 -14.96
N VAL A 36 -6.19 -15.15 -14.81
CA VAL A 36 -6.66 -14.14 -13.81
C VAL A 36 -6.07 -14.48 -12.43
N CYS A 37 -6.14 -15.72 -11.99
CA CYS A 37 -5.70 -16.11 -10.63
C CYS A 37 -4.22 -15.77 -10.39
N LYS A 38 -3.34 -15.99 -11.37
CA LYS A 38 -1.90 -15.69 -11.20
C LYS A 38 -1.66 -14.17 -11.16
N ALA A 39 -2.44 -13.41 -11.92
CA ALA A 39 -2.30 -11.92 -11.93
C ALA A 39 -2.70 -11.45 -10.53
N VAL A 40 -3.78 -12.01 -10.00
CA VAL A 40 -4.35 -11.64 -8.68
C VAL A 40 -3.30 -12.02 -7.62
N TYR A 41 -2.68 -13.20 -7.73
CA TYR A 41 -1.63 -13.63 -6.78
C TYR A 41 -0.45 -12.66 -6.78
N LYS A 42 0.00 -12.21 -7.95
CA LYS A 42 1.15 -11.26 -8.04
C LYS A 42 0.78 -9.91 -7.41
N LYS A 43 -0.46 -9.46 -7.58
CA LYS A 43 -0.88 -8.11 -7.12
C LYS A 43 -1.27 -8.10 -5.64
N TRP A 44 -1.95 -9.13 -5.16
CA TRP A 44 -2.52 -9.21 -3.80
C TRP A 44 -2.13 -10.53 -3.16
N PRO A 45 -0.84 -10.90 -3.02
CA PRO A 45 -0.52 -12.24 -2.50
C PRO A 45 -0.96 -12.50 -1.07
N GLU A 46 -1.04 -11.44 -0.26
CA GLU A 46 -1.51 -11.54 1.14
C GLU A 46 -2.95 -12.06 1.18
N SER A 47 -3.72 -11.87 0.10
CA SER A 47 -5.14 -12.30 0.08
C SER A 47 -5.26 -13.81 -0.08
N PHE A 48 -4.16 -14.55 -0.23
CA PHE A 48 -4.26 -16.02 -0.41
C PHE A 48 -4.01 -16.75 0.93
N LYS A 49 -3.92 -16.03 2.02
CA LYS A 49 -3.93 -16.67 3.37
C LYS A 49 -5.30 -17.29 3.67
N ASN A 50 -5.37 -18.62 3.73
CA ASN A 50 -6.62 -19.33 4.07
C ASN A 50 -7.74 -18.92 3.09
N SER A 51 -7.42 -18.88 1.80
CA SER A 51 -8.41 -18.57 0.75
C SER A 51 -9.04 -19.84 0.13
N ALA A 52 -8.56 -21.03 0.44
CA ALA A 52 -9.20 -22.28 -0.06
C ALA A 52 -10.68 -22.34 0.31
N THR A 53 -11.52 -22.76 -0.64
CA THR A 53 -12.99 -22.78 -0.50
C THR A 53 -13.54 -23.71 -1.57
N PRO A 54 -14.68 -24.37 -1.34
CA PRO A 54 -15.19 -25.33 -2.31
C PRO A 54 -15.71 -24.72 -3.60
N VAL A 55 -15.94 -25.57 -4.58
CA VAL A 55 -16.59 -25.15 -5.83
C VAL A 55 -17.97 -24.58 -5.50
N GLY A 56 -18.35 -23.51 -6.23
CA GLY A 56 -19.69 -22.92 -6.07
C GLY A 56 -19.78 -21.92 -4.91
N THR A 57 -18.67 -21.62 -4.23
CA THR A 57 -18.56 -20.67 -3.10
C THR A 57 -17.63 -19.51 -3.40
N ALA A 58 -17.70 -18.51 -2.53
CA ALA A 58 -16.79 -17.38 -2.55
C ALA A 58 -16.33 -17.10 -1.12
N LYS A 59 -15.07 -16.78 -1.01
CA LYS A 59 -14.44 -16.47 0.29
C LYS A 59 -13.64 -15.20 0.12
N THR A 60 -13.90 -14.19 0.96
CA THR A 60 -13.21 -12.89 0.91
C THR A 60 -12.05 -12.89 1.89
N VAL A 61 -10.91 -12.42 1.43
CA VAL A 61 -9.70 -12.18 2.25
C VAL A 61 -9.19 -10.79 1.92
N MET A 62 -8.90 -10.01 2.94
N MET A 62 -8.91 -10.02 2.96
CA MET A 62 -8.45 -8.60 2.83
CA MET A 62 -8.39 -8.64 2.84
C MET A 62 -6.95 -8.56 2.52
C MET A 62 -6.92 -8.68 2.40
N CYS A 63 -6.54 -7.72 1.57
CA CYS A 63 -5.12 -7.38 1.31
C CYS A 63 -4.98 -5.94 1.78
N GLY A 64 -4.50 -5.72 3.02
CA GLY A 64 -4.64 -4.39 3.63
C GLY A 64 -6.08 -4.12 3.94
N THR A 65 -6.71 -3.10 3.36
CA THR A 65 -8.13 -2.87 3.46
C THR A 65 -8.84 -3.17 2.13
N TYR A 66 -8.12 -3.73 1.15
CA TYR A 66 -8.70 -3.98 -0.20
C TYR A 66 -9.24 -5.41 -0.27
N PRO A 67 -10.57 -5.61 -0.44
CA PRO A 67 -11.13 -6.97 -0.41
C PRO A 67 -10.91 -7.75 -1.71
N VAL A 68 -10.42 -8.98 -1.56
CA VAL A 68 -10.29 -9.93 -2.69
C VAL A 68 -11.30 -11.05 -2.46
N ILE A 69 -12.33 -11.16 -3.33
CA ILE A 69 -13.39 -12.17 -3.19
C ILE A 69 -12.96 -13.36 -4.08
N HIS A 70 -12.51 -14.45 -3.47
CA HIS A 70 -12.11 -15.66 -4.21
C HIS A 70 -13.34 -16.47 -4.56
N ALA A 71 -13.73 -16.48 -5.83
CA ALA A 71 -14.96 -17.16 -6.30
C ALA A 71 -14.51 -18.39 -7.12
N VAL A 72 -14.99 -19.56 -6.74
CA VAL A 72 -14.54 -20.83 -7.38
C VAL A 72 -15.63 -21.40 -8.30
N GLY A 73 -15.45 -21.15 -9.59
CA GLY A 73 -16.29 -21.72 -10.64
C GLY A 73 -15.90 -23.18 -10.86
N PRO A 74 -16.81 -23.97 -11.39
CA PRO A 74 -16.55 -25.38 -11.74
C PRO A 74 -15.64 -25.50 -12.97
N ASN A 75 -14.81 -26.56 -12.94
CA ASN A 75 -14.01 -26.93 -14.13
C ASN A 75 -14.87 -27.88 -14.96
N PHE A 76 -15.36 -27.44 -16.11
CA PHE A 76 -16.29 -28.21 -16.98
C PHE A 76 -15.57 -29.44 -17.59
N SER A 77 -14.28 -29.59 -17.41
CA SER A 77 -13.60 -30.88 -17.70
C SER A 77 -14.10 -31.98 -16.74
N ASN A 78 -14.49 -31.65 -15.52
CA ASN A 78 -14.81 -32.65 -14.47
C ASN A 78 -16.29 -32.77 -14.17
N TYR A 79 -17.02 -31.67 -14.28
CA TYR A 79 -18.48 -31.59 -14.04
C TYR A 79 -19.23 -31.92 -15.32
N THR A 80 -20.41 -32.53 -15.17
CA THR A 80 -21.41 -32.64 -16.26
C THR A 80 -21.88 -31.23 -16.62
N GLU A 81 -22.36 -31.02 -17.84
CA GLU A 81 -22.95 -29.69 -18.21
C GLU A 81 -23.99 -29.26 -17.17
N SER A 82 -24.85 -30.16 -16.73
CA SER A 82 -25.96 -29.86 -15.79
C SER A 82 -25.39 -29.43 -14.42
N GLU A 83 -24.49 -30.21 -13.85
CA GLU A 83 -23.98 -29.94 -12.48
C GLU A 83 -23.08 -28.70 -12.55
N GLY A 84 -22.28 -28.59 -13.59
CA GLY A 84 -21.41 -27.42 -13.80
C GLY A 84 -22.24 -26.15 -13.90
N ASP A 85 -23.32 -26.18 -14.65
CA ASP A 85 -24.18 -24.98 -14.79
C ASP A 85 -24.70 -24.57 -13.40
N ARG A 86 -25.12 -25.51 -12.55
CA ARG A 86 -25.65 -25.24 -11.19
C ARG A 86 -24.54 -24.62 -10.34
N GLU A 87 -23.31 -25.14 -10.42
CA GLU A 87 -22.21 -24.65 -9.55
C GLU A 87 -21.79 -23.27 -10.04
N LEU A 88 -21.84 -23.00 -11.34
CA LEU A 88 -21.40 -21.70 -11.89
C LEU A 88 -22.39 -20.60 -11.45
N ALA A 89 -23.68 -20.88 -11.54
CA ALA A 89 -24.74 -19.99 -10.99
C ALA A 89 -24.53 -19.75 -9.50
N ALA A 90 -24.26 -20.80 -8.70
CA ALA A 90 -24.07 -20.68 -7.24
C ALA A 90 -22.85 -19.80 -6.93
N ALA A 91 -21.71 -19.96 -7.62
CA ALA A 91 -20.52 -19.14 -7.32
C ALA A 91 -20.92 -17.67 -7.43
N TYR A 92 -21.61 -17.28 -8.51
CA TYR A 92 -21.98 -15.85 -8.69
C TYR A 92 -22.95 -15.41 -7.61
N ARG A 93 -23.91 -16.25 -7.19
CA ARG A 93 -24.82 -15.86 -6.08
C ARG A 93 -23.98 -15.55 -4.82
N GLU A 94 -22.92 -16.34 -4.51
CA GLU A 94 -22.08 -16.10 -3.32
C GLU A 94 -21.28 -14.81 -3.52
N VAL A 95 -20.86 -14.47 -4.75
CA VAL A 95 -20.18 -13.18 -5.01
C VAL A 95 -21.15 -12.06 -4.63
N ALA A 96 -22.40 -12.11 -5.09
CA ALA A 96 -23.36 -11.01 -4.78
C ALA A 96 -23.52 -10.84 -3.27
N LYS A 97 -23.58 -11.92 -2.49
CA LYS A 97 -23.69 -11.86 -1.01
C LYS A 97 -22.45 -11.14 -0.44
N GLU A 98 -21.24 -11.50 -0.90
CA GLU A 98 -20.00 -10.88 -0.39
C GLU A 98 -19.97 -9.39 -0.72
N VAL A 99 -20.26 -9.04 -1.97
CA VAL A 99 -20.23 -7.62 -2.43
C VAL A 99 -21.20 -6.83 -1.53
N THR A 100 -22.37 -7.40 -1.28
CA THR A 100 -23.40 -6.74 -0.41
C THR A 100 -22.86 -6.54 1.01
N ARG A 101 -22.32 -7.61 1.60
CA ARG A 101 -21.80 -7.62 2.99
C ARG A 101 -20.69 -6.57 3.15
N LEU A 102 -19.83 -6.39 2.14
CA LEU A 102 -18.64 -5.52 2.24
C LEU A 102 -19.06 -4.05 2.17
N GLY A 103 -20.23 -3.75 1.63
CA GLY A 103 -20.71 -2.35 1.50
C GLY A 103 -19.94 -1.56 0.48
N VAL A 104 -19.27 -2.20 -0.49
CA VAL A 104 -18.55 -1.50 -1.57
C VAL A 104 -19.53 -0.82 -2.54
N ASN A 105 -19.08 0.24 -3.20
CA ASN A 105 -19.89 0.88 -4.24
C ASN A 105 -19.51 0.37 -5.63
N SER A 106 -18.49 -0.46 -5.76
CA SER A 106 -18.01 -0.92 -7.10
C SER A 106 -17.23 -2.23 -6.93
N VAL A 107 -17.22 -3.07 -7.97
CA VAL A 107 -16.56 -4.42 -7.96
C VAL A 107 -16.05 -4.70 -9.37
N ALA A 108 -14.82 -5.20 -9.46
CA ALA A 108 -14.21 -5.70 -10.71
C ALA A 108 -14.44 -7.22 -10.74
N ILE A 109 -14.96 -7.76 -11.84
N ILE A 109 -15.04 -7.74 -11.82
CA ILE A 109 -15.34 -9.19 -11.90
CA ILE A 109 -15.43 -9.19 -11.93
C ILE A 109 -14.97 -9.79 -13.26
C ILE A 109 -14.89 -9.74 -13.26
N PRO A 110 -14.30 -10.96 -13.27
CA PRO A 110 -14.04 -11.70 -14.49
C PRO A 110 -15.19 -12.67 -14.78
N LEU A 111 -15.26 -13.22 -16.01
CA LEU A 111 -16.28 -14.23 -16.35
C LEU A 111 -15.77 -15.62 -15.89
N LEU A 112 -16.35 -16.12 -14.82
CA LEU A 112 -15.95 -17.41 -14.20
C LEU A 112 -16.16 -18.54 -15.21
N SER A 113 -15.24 -19.52 -15.16
CA SER A 113 -15.31 -20.79 -15.92
C SER A 113 -15.24 -20.53 -17.43
N THR A 114 -14.65 -19.45 -17.92
CA THR A 114 -14.56 -19.19 -19.38
C THR A 114 -13.17 -19.45 -19.95
N GLY A 115 -12.17 -19.70 -19.12
CA GLY A 115 -10.77 -19.92 -19.55
C GLY A 115 -10.46 -21.41 -19.45
N VAL A 116 -9.45 -21.78 -18.65
CA VAL A 116 -9.02 -23.21 -18.57
C VAL A 116 -10.07 -24.08 -17.88
N TYR A 117 -11.08 -23.49 -17.20
CA TYR A 117 -12.17 -24.28 -16.59
C TYR A 117 -13.38 -24.45 -17.55
N SER A 118 -13.25 -24.01 -18.82
CA SER A 118 -14.37 -24.00 -19.79
C SER A 118 -14.62 -25.37 -20.43
N GLY A 119 -13.74 -26.35 -20.20
CA GLY A 119 -13.85 -27.65 -20.87
C GLY A 119 -13.84 -27.51 -22.39
N GLY A 120 -13.13 -26.49 -22.90
CA GLY A 120 -12.90 -26.26 -24.35
C GLY A 120 -14.11 -25.66 -25.07
N LYS A 121 -15.10 -25.13 -24.35
CA LYS A 121 -16.33 -24.56 -24.95
C LYS A 121 -16.37 -23.06 -24.69
N ASP A 122 -17.00 -22.33 -25.62
CA ASP A 122 -17.33 -20.89 -25.50
C ASP A 122 -18.48 -20.77 -24.50
N ARG A 123 -18.22 -20.21 -23.32
CA ARG A 123 -19.24 -20.02 -22.26
C ARG A 123 -19.43 -18.54 -21.92
N LEU A 124 -19.13 -17.63 -22.85
CA LEU A 124 -19.38 -16.17 -22.64
C LEU A 124 -20.81 -15.98 -22.19
N THR A 125 -21.80 -16.35 -23.00
CA THR A 125 -23.22 -16.07 -22.72
C THR A 125 -23.66 -16.77 -21.43
N GLN A 126 -23.28 -18.03 -21.24
CA GLN A 126 -23.69 -18.82 -20.04
C GLN A 126 -23.17 -18.11 -18.78
N SER A 127 -21.89 -17.78 -18.79
CA SER A 127 -21.25 -17.20 -17.59
C SER A 127 -21.78 -15.77 -17.35
N LEU A 128 -21.87 -14.96 -18.41
CA LEU A 128 -22.38 -13.57 -18.27
C LEU A 128 -23.82 -13.57 -17.77
N ASN A 129 -24.67 -14.47 -18.24
CA ASN A 129 -26.09 -14.49 -17.82
C ASN A 129 -26.17 -14.89 -16.36
N HIS A 130 -25.32 -15.81 -15.88
CA HIS A 130 -25.34 -16.12 -14.43
C HIS A 130 -24.81 -14.92 -13.59
N LEU A 131 -23.88 -14.20 -14.12
CA LEU A 131 -23.36 -12.95 -13.49
C LEU A 131 -24.52 -11.98 -13.32
N PHE A 132 -25.26 -11.73 -14.40
CA PHE A 132 -26.40 -10.78 -14.31
C PHE A 132 -27.43 -11.28 -13.32
N THR A 133 -27.80 -12.58 -13.35
CA THR A 133 -28.84 -13.10 -12.44
C THR A 133 -28.49 -12.76 -10.98
N ALA A 134 -27.22 -12.94 -10.62
CA ALA A 134 -26.75 -12.70 -9.25
C ALA A 134 -26.64 -11.20 -8.97
N MET A 135 -26.05 -10.42 -9.87
CA MET A 135 -25.64 -9.05 -9.54
C MET A 135 -26.77 -8.04 -9.79
N ASP A 136 -27.83 -8.43 -10.48
CA ASP A 136 -28.87 -7.43 -10.86
C ASP A 136 -29.52 -6.84 -9.60
N SER A 137 -29.63 -7.58 -8.51
CA SER A 137 -30.30 -7.08 -7.29
C SER A 137 -29.32 -6.32 -6.39
N THR A 138 -28.03 -6.23 -6.75
CA THR A 138 -27.07 -5.43 -5.98
C THR A 138 -26.99 -4.00 -6.54
N ASP A 139 -26.53 -3.05 -5.72
CA ASP A 139 -26.42 -1.65 -6.20
C ASP A 139 -24.97 -1.20 -6.39
N ALA A 140 -24.01 -2.13 -6.43
CA ALA A 140 -22.63 -1.79 -6.79
C ALA A 140 -22.50 -1.52 -8.30
N ASP A 141 -21.65 -0.58 -8.71
CA ASP A 141 -21.18 -0.49 -10.10
C ASP A 141 -20.36 -1.76 -10.39
N VAL A 142 -20.71 -2.50 -11.43
CA VAL A 142 -20.02 -3.74 -11.81
C VAL A 142 -19.18 -3.44 -13.06
N VAL A 143 -17.91 -3.75 -13.01
CA VAL A 143 -17.01 -3.59 -14.19
C VAL A 143 -16.48 -4.98 -14.50
N ILE A 144 -16.86 -5.50 -15.66
CA ILE A 144 -16.48 -6.86 -16.13
C ILE A 144 -15.16 -6.71 -16.88
N TYR A 145 -14.20 -7.56 -16.59
CA TYR A 145 -12.86 -7.53 -17.23
C TYR A 145 -12.72 -8.74 -18.16
N CYS A 146 -12.10 -8.56 -19.32
CA CYS A 146 -11.80 -9.63 -20.30
C CYS A 146 -10.46 -9.35 -21.01
N ARG A 147 -10.01 -10.28 -21.86
CA ARG A 147 -8.72 -10.19 -22.60
C ARG A 147 -8.98 -10.02 -24.10
N ASP A 148 -9.99 -10.71 -24.62
CA ASP A 148 -10.21 -10.90 -26.08
C ASP A 148 -11.03 -9.73 -26.66
N LYS A 149 -10.60 -9.18 -27.81
CA LYS A 149 -11.31 -8.08 -28.50
C LYS A 149 -12.75 -8.46 -28.94
N GLU A 150 -12.96 -9.66 -29.45
CA GLU A 150 -14.32 -10.10 -29.85
C GLU A 150 -15.22 -10.28 -28.62
N TRP A 151 -14.66 -10.80 -27.53
CA TRP A 151 -15.44 -10.92 -26.27
C TRP A 151 -15.86 -9.55 -25.75
N GLU A 152 -14.99 -8.55 -25.80
CA GLU A 152 -15.30 -7.18 -25.33
C GLU A 152 -16.55 -6.69 -26.08
N LYS A 153 -16.58 -6.88 -27.40
CA LYS A 153 -17.71 -6.41 -28.25
C LYS A 153 -18.99 -7.14 -27.83
N LYS A 154 -18.95 -8.46 -27.65
CA LYS A 154 -20.14 -9.27 -27.32
C LYS A 154 -20.65 -8.95 -25.91
N ILE A 155 -19.75 -8.73 -24.96
CA ILE A 155 -20.17 -8.37 -23.58
C ILE A 155 -20.82 -6.99 -23.61
N SER A 156 -20.21 -6.05 -24.33
CA SER A 156 -20.71 -4.67 -24.45
C SER A 156 -22.11 -4.70 -25.08
N GLU A 157 -22.28 -5.49 -26.13
CA GLU A 157 -23.60 -5.63 -26.82
C GLU A 157 -24.63 -6.17 -25.82
N ALA A 158 -24.31 -7.22 -25.05
CA ALA A 158 -25.26 -7.83 -24.11
C ALA A 158 -25.65 -6.81 -23.06
N ILE A 159 -24.71 -6.00 -22.57
CA ILE A 159 -25.04 -4.97 -21.55
C ILE A 159 -26.03 -3.97 -22.17
N GLN A 160 -25.70 -3.49 -23.37
CA GLN A 160 -26.46 -2.39 -24.05
C GLN A 160 -27.86 -2.89 -24.38
N MET A 161 -28.02 -4.17 -24.70
CA MET A 161 -29.33 -4.79 -25.11
C MET A 161 -30.37 -4.60 -24.00
N ARG A 162 -29.95 -4.65 -22.73
CA ARG A 162 -30.87 -4.51 -21.57
C ARG A 162 -31.17 -3.02 -21.35
N THR A 163 -30.41 -2.16 -22.05
CA THR A 163 -30.43 -0.67 -22.15
C THR A 163 -29.30 -0.14 -21.29
N GLY B 1 -9.30 28.14 -17.60
CA GLY B 1 -7.81 28.38 -17.45
C GLY B 1 -7.40 28.56 -15.99
N ALA B 2 -6.09 28.47 -15.73
CA ALA B 2 -5.49 28.72 -14.40
C ALA B 2 -5.57 30.23 -14.15
N MET B 3 -5.77 30.71 -12.91
CA MET B 3 -6.04 32.16 -12.73
C MET B 3 -4.75 32.96 -12.99
N ALA B 4 -3.59 32.32 -12.84
CA ALA B 4 -2.29 32.88 -13.26
C ALA B 4 -1.50 31.77 -13.95
N PRO B 5 -1.76 31.53 -15.25
CA PRO B 5 -1.13 30.40 -15.95
C PRO B 5 0.39 30.33 -15.68
N SER B 6 0.87 29.15 -15.33
CA SER B 6 2.27 28.91 -14.93
C SER B 6 2.85 27.70 -15.69
N TYR B 7 4.16 27.65 -15.66
CA TYR B 7 5.00 26.44 -15.91
C TYR B 7 5.66 26.00 -14.60
N ARG B 8 5.64 24.69 -14.35
CA ARG B 8 6.33 24.05 -13.19
C ARG B 8 6.99 22.76 -13.66
N VAL B 9 8.05 22.31 -12.97
CA VAL B 9 8.74 21.02 -13.27
C VAL B 9 8.72 20.15 -12.01
N LYS B 10 8.52 18.83 -12.20
CA LYS B 10 8.54 17.84 -11.11
C LYS B 10 9.37 16.66 -11.60
N ARG B 11 10.31 16.22 -10.77
CA ARG B 11 11.17 15.04 -11.08
C ARG B 11 10.53 13.79 -10.46
N MET B 12 9.66 13.10 -11.19
CA MET B 12 8.89 11.93 -10.70
C MET B 12 8.13 11.29 -11.86
N ASP B 13 7.56 10.11 -11.60
CA ASP B 13 6.78 9.29 -12.57
C ASP B 13 5.47 10.04 -12.90
N ILE B 14 5.31 10.40 -14.18
CA ILE B 14 4.16 11.19 -14.66
C ILE B 14 2.85 10.38 -14.50
N ALA B 15 2.90 9.06 -14.30
CA ALA B 15 1.68 8.28 -13.97
C ALA B 15 1.10 8.73 -12.60
N LYS B 16 1.90 9.33 -11.75
CA LYS B 16 1.44 9.83 -10.42
C LYS B 16 1.07 11.31 -10.46
N ASN B 17 0.83 11.89 -11.64
CA ASN B 17 0.53 13.36 -11.76
C ASN B 17 -0.75 13.70 -11.00
N ASP B 18 -0.82 14.94 -10.52
CA ASP B 18 -2.01 15.59 -9.88
C ASP B 18 -2.66 16.60 -10.83
N GLU B 19 -2.44 16.51 -12.15
CA GLU B 19 -3.03 17.44 -13.12
C GLU B 19 -4.29 16.85 -13.72
N GLU B 20 -5.03 17.65 -14.47
CA GLU B 20 -6.37 17.29 -15.00
C GLU B 20 -6.26 16.46 -16.27
N CYS B 21 -5.03 16.23 -16.77
CA CYS B 21 -4.80 15.35 -17.94
C CYS B 21 -3.31 15.11 -18.10
N VAL B 22 -2.98 14.09 -18.90
CA VAL B 22 -1.59 13.63 -19.07
C VAL B 22 -1.31 13.54 -20.58
N VAL B 23 -0.07 13.92 -20.91
CA VAL B 23 0.52 13.69 -22.25
C VAL B 23 1.45 12.46 -22.15
N ASN B 24 1.12 11.46 -22.96
CA ASN B 24 1.97 10.26 -23.13
C ASN B 24 2.98 10.56 -24.26
N ALA B 25 4.22 10.20 -24.04
CA ALA B 25 5.26 10.17 -25.12
C ALA B 25 5.06 8.84 -25.84
N ALA B 26 4.11 8.82 -26.75
CA ALA B 26 3.56 7.64 -27.42
C ALA B 26 4.45 7.18 -28.59
N ASN B 27 4.26 5.92 -28.98
CA ASN B 27 4.73 5.44 -30.28
C ASN B 27 3.58 5.51 -31.27
N PRO B 28 3.80 5.43 -32.59
CA PRO B 28 2.73 5.56 -33.57
C PRO B 28 1.67 4.43 -33.57
N ARG B 29 1.97 3.28 -32.97
CA ARG B 29 1.14 2.05 -33.12
C ARG B 29 0.33 1.81 -31.86
N GLY B 30 0.42 2.68 -30.88
CA GLY B 30 -0.26 2.54 -29.57
C GLY B 30 0.14 1.27 -28.86
N LEU B 31 1.43 0.97 -28.89
CA LEU B 31 2.04 -0.18 -28.21
C LEU B 31 2.55 0.32 -26.87
N PRO B 32 2.77 -0.57 -25.88
CA PRO B 32 3.32 -0.18 -24.58
C PRO B 32 4.66 0.59 -24.43
N GLY B 33 5.70 0.28 -25.18
CA GLY B 33 6.88 1.17 -25.26
C GLY B 33 7.80 1.20 -24.05
N ASP B 34 8.61 2.25 -23.92
CA ASP B 34 9.65 2.42 -22.87
C ASP B 34 9.40 3.73 -22.12
N GLY B 35 10.18 3.95 -21.04
CA GLY B 35 10.15 5.21 -20.26
C GLY B 35 8.74 5.62 -19.90
N VAL B 36 8.38 6.87 -20.21
CA VAL B 36 7.05 7.44 -19.90
C VAL B 36 5.91 6.56 -20.43
N CYS B 37 6.01 6.03 -21.65
CA CYS B 37 4.95 5.25 -22.29
C CYS B 37 4.67 4.00 -21.46
N LYS B 38 5.72 3.36 -20.96
CA LYS B 38 5.59 2.12 -20.13
C LYS B 38 4.81 2.46 -18.86
N ALA B 39 5.16 3.58 -18.22
CA ALA B 39 4.48 4.08 -17.00
C ALA B 39 3.01 4.38 -17.26
N VAL B 40 2.67 4.94 -18.42
CA VAL B 40 1.28 5.27 -18.80
C VAL B 40 0.48 4.01 -19.13
N TYR B 41 1.10 3.01 -19.78
CA TYR B 41 0.41 1.75 -20.11
C TYR B 41 0.09 0.96 -18.83
N LYS B 42 0.92 1.10 -17.82
CA LYS B 42 0.78 0.41 -16.51
C LYS B 42 -0.56 0.83 -15.89
N LYS B 43 -0.92 2.12 -16.00
CA LYS B 43 -2.12 2.68 -15.30
C LYS B 43 -3.35 2.81 -16.24
N TRP B 44 -3.15 3.25 -17.48
CA TRP B 44 -4.25 3.54 -18.43
C TRP B 44 -4.12 2.70 -19.68
N PRO B 45 -4.05 1.34 -19.57
CA PRO B 45 -3.97 0.54 -20.77
C PRO B 45 -5.17 0.67 -21.67
N GLU B 46 -6.39 0.82 -21.09
CA GLU B 46 -7.61 0.98 -21.93
C GLU B 46 -7.56 2.33 -22.67
N SER B 47 -6.67 3.22 -22.25
CA SER B 47 -6.35 4.45 -23.03
C SER B 47 -5.57 4.15 -24.30
N PHE B 48 -5.07 2.91 -24.52
CA PHE B 48 -4.39 2.55 -25.78
C PHE B 48 -5.37 1.96 -26.79
N LYS B 49 -6.67 1.88 -26.45
CA LYS B 49 -7.67 1.39 -27.41
C LYS B 49 -7.72 2.38 -28.58
N ASN B 50 -7.29 1.95 -29.75
CA ASN B 50 -7.36 2.76 -31.01
C ASN B 50 -6.60 4.07 -30.79
N SER B 51 -5.47 4.01 -30.10
CA SER B 51 -4.62 5.22 -29.89
C SER B 51 -3.56 5.40 -30.98
N ALA B 52 -3.40 4.46 -31.90
CA ALA B 52 -2.40 4.59 -33.00
C ALA B 52 -2.63 5.90 -33.78
N THR B 53 -1.58 6.66 -34.07
CA THR B 53 -1.69 7.97 -34.74
C THR B 53 -0.32 8.28 -35.33
N PRO B 54 -0.23 9.04 -36.43
CA PRO B 54 1.05 9.30 -37.08
C PRO B 54 2.01 10.15 -36.25
N VAL B 55 3.29 10.07 -36.63
CA VAL B 55 4.33 10.94 -36.05
C VAL B 55 3.88 12.40 -36.28
N GLY B 56 4.09 13.25 -35.29
CA GLY B 56 3.79 14.68 -35.38
C GLY B 56 2.35 15.00 -35.04
N THR B 57 1.62 14.01 -34.54
CA THR B 57 0.20 14.17 -34.13
C THR B 57 -0.05 13.77 -32.68
N ALA B 58 -1.21 14.16 -32.18
CA ALA B 58 -1.69 13.79 -30.84
C ALA B 58 -3.12 13.27 -30.98
N LYS B 59 -3.40 12.16 -30.29
CA LYS B 59 -4.73 11.51 -30.25
C LYS B 59 -5.13 11.32 -28.78
N THR B 60 -6.29 11.84 -28.36
CA THR B 60 -6.73 11.76 -26.94
C THR B 60 -7.71 10.60 -26.79
N VAL B 61 -7.49 9.79 -25.77
CA VAL B 61 -8.41 8.68 -25.45
C VAL B 61 -8.86 8.94 -24.03
N MET B 62 -10.17 8.99 -23.80
CA MET B 62 -10.75 9.28 -22.46
C MET B 62 -10.76 8.00 -21.63
N CYS B 63 -10.18 8.07 -20.43
CA CYS B 63 -10.44 7.14 -19.30
C CYS B 63 -11.56 7.75 -18.44
N GLY B 64 -12.81 7.37 -18.69
CA GLY B 64 -13.98 7.95 -18.01
C GLY B 64 -13.84 9.46 -17.95
N THR B 65 -13.05 9.98 -16.99
CA THR B 65 -12.92 11.45 -16.74
C THR B 65 -11.47 11.95 -16.85
N TYR B 66 -10.46 11.06 -16.91
CA TYR B 66 -9.03 11.45 -16.95
C TYR B 66 -8.44 11.34 -18.35
N PRO B 67 -8.17 12.47 -19.05
CA PRO B 67 -7.79 12.46 -20.46
C PRO B 67 -6.34 12.02 -20.72
N VAL B 68 -6.12 11.12 -21.70
CA VAL B 68 -4.72 10.72 -22.02
C VAL B 68 -4.45 11.18 -23.44
N ILE B 69 -3.54 12.15 -23.57
CA ILE B 69 -3.17 12.73 -24.89
C ILE B 69 -1.90 12.01 -25.43
N HIS B 70 -2.09 11.11 -26.37
CA HIS B 70 -0.95 10.34 -26.94
C HIS B 70 -0.26 11.23 -27.99
N ALA B 71 0.93 11.73 -27.65
CA ALA B 71 1.68 12.66 -28.55
C ALA B 71 2.85 11.88 -29.16
N VAL B 72 2.90 11.80 -30.49
CA VAL B 72 3.94 10.98 -31.16
C VAL B 72 5.09 11.89 -31.66
N GLY B 73 6.17 11.98 -30.91
CA GLY B 73 7.41 12.64 -31.36
C GLY B 73 8.19 11.69 -32.27
N PRO B 74 9.08 12.25 -33.09
CA PRO B 74 9.84 11.48 -34.07
C PRO B 74 10.95 10.69 -33.35
N ASN B 75 11.28 9.53 -33.91
CA ASN B 75 12.50 8.77 -33.50
C ASN B 75 13.65 9.31 -34.37
N PHE B 76 14.56 10.05 -33.75
CA PHE B 76 15.74 10.62 -34.44
C PHE B 76 16.72 9.52 -34.87
N SER B 77 16.53 8.24 -34.52
CA SER B 77 17.28 7.15 -35.21
C SER B 77 16.83 7.03 -36.67
N ASN B 78 15.59 7.42 -37.01
CA ASN B 78 14.93 7.19 -38.31
C ASN B 78 14.79 8.50 -39.12
N TYR B 79 14.49 9.61 -38.46
CA TYR B 79 14.30 10.95 -39.10
C TYR B 79 15.66 11.64 -39.18
N THR B 80 15.86 12.45 -40.21
CA THR B 80 16.97 13.41 -40.22
C THR B 80 16.76 14.50 -39.18
N GLU B 81 17.80 15.23 -38.87
CA GLU B 81 17.72 16.37 -37.91
C GLU B 81 16.66 17.37 -38.44
N SER B 82 16.66 17.63 -39.74
CA SER B 82 15.72 18.60 -40.34
C SER B 82 14.26 18.10 -40.20
N GLU B 83 13.99 16.89 -40.65
CA GLU B 83 12.60 16.38 -40.72
C GLU B 83 12.12 16.11 -39.29
N GLY B 84 13.01 15.65 -38.43
CA GLY B 84 12.70 15.40 -37.01
C GLY B 84 12.35 16.67 -36.28
N ASP B 85 13.08 17.76 -36.54
CA ASP B 85 12.81 19.03 -35.81
C ASP B 85 11.39 19.49 -36.14
N ARG B 86 10.96 19.31 -37.38
CA ARG B 86 9.65 19.77 -37.85
C ARG B 86 8.58 18.90 -37.19
N GLU B 87 8.77 17.57 -37.16
CA GLU B 87 7.73 16.65 -36.61
C GLU B 87 7.64 16.85 -35.10
N LEU B 88 8.74 17.18 -34.44
CA LEU B 88 8.75 17.39 -32.96
C LEU B 88 7.97 18.67 -32.65
N ALA B 89 8.17 19.73 -33.40
CA ALA B 89 7.38 20.96 -33.28
C ALA B 89 5.90 20.66 -33.50
N ALA B 90 5.58 19.88 -34.52
CA ALA B 90 4.18 19.54 -34.90
C ALA B 90 3.48 18.79 -33.76
N ALA B 91 4.16 17.81 -33.14
CA ALA B 91 3.53 17.00 -32.07
C ALA B 91 3.14 17.96 -30.95
N TYR B 92 4.01 18.89 -30.56
CA TYR B 92 3.66 19.80 -29.45
C TYR B 92 2.53 20.74 -29.89
N ARG B 93 2.53 21.23 -31.12
CA ARG B 93 1.41 22.07 -31.61
C ARG B 93 0.09 21.30 -31.46
N GLU B 94 0.05 20.00 -31.79
N GLU B 94 0.06 20.01 -31.77
CA GLU B 94 -1.18 19.18 -31.63
CA GLU B 94 -1.18 19.20 -31.64
C GLU B 94 -1.54 19.03 -30.14
C GLU B 94 -1.53 19.01 -30.15
N VAL B 95 -0.54 18.90 -29.26
CA VAL B 95 -0.79 18.85 -27.81
C VAL B 95 -1.49 20.16 -27.37
N ALA B 96 -1.03 21.32 -27.81
CA ALA B 96 -1.63 22.61 -27.39
C ALA B 96 -3.09 22.68 -27.85
N LYS B 97 -3.41 22.27 -29.08
CA LYS B 97 -4.80 22.23 -29.60
C LYS B 97 -5.65 21.30 -28.72
N GLU B 98 -5.15 20.12 -28.36
CA GLU B 98 -5.94 19.16 -27.57
C GLU B 98 -6.19 19.73 -26.18
N VAL B 99 -5.18 20.23 -25.50
CA VAL B 99 -5.31 20.82 -24.16
C VAL B 99 -6.40 21.91 -24.23
N THR B 100 -6.36 22.73 -25.27
CA THR B 100 -7.31 23.86 -25.45
C THR B 100 -8.72 23.27 -25.62
N ARG B 101 -8.85 22.27 -26.48
CA ARG B 101 -10.17 21.65 -26.80
C ARG B 101 -10.78 21.04 -25.52
N LEU B 102 -9.97 20.43 -24.69
CA LEU B 102 -10.43 19.67 -23.50
C LEU B 102 -10.91 20.61 -22.40
N GLY B 103 -10.44 21.86 -22.39
CA GLY B 103 -10.82 22.86 -21.38
C GLY B 103 -10.23 22.61 -20.02
N VAL B 104 -9.20 21.77 -19.92
CA VAL B 104 -8.51 21.48 -18.65
C VAL B 104 -7.85 22.77 -18.19
N ASN B 105 -7.61 22.87 -16.90
CA ASN B 105 -6.89 23.98 -16.25
C ASN B 105 -5.46 23.57 -15.94
N SER B 106 -5.12 22.28 -16.07
CA SER B 106 -3.73 21.81 -15.88
C SER B 106 -3.46 20.59 -16.80
N VAL B 107 -2.17 20.36 -17.05
CA VAL B 107 -1.68 19.25 -17.92
C VAL B 107 -0.27 18.87 -17.46
N ALA B 108 -0.02 17.56 -17.40
CA ALA B 108 1.29 16.94 -17.12
C ALA B 108 1.89 16.57 -18.48
N ILE B 109 3.09 17.03 -18.78
N ILE B 109 3.09 17.07 -18.76
CA ILE B 109 3.72 16.83 -20.11
CA ILE B 109 3.80 16.95 -20.08
C ILE B 109 5.18 16.43 -19.92
C ILE B 109 5.20 16.40 -19.87
N PRO B 110 5.64 15.36 -20.62
CA PRO B 110 7.04 14.97 -20.60
C PRO B 110 7.75 15.64 -21.79
N LEU B 111 9.08 15.57 -21.83
CA LEU B 111 9.87 16.11 -22.97
C LEU B 111 9.93 15.04 -24.07
N LEU B 112 9.19 15.27 -25.14
CA LEU B 112 9.10 14.36 -26.29
C LEU B 112 10.47 14.23 -26.97
N SER B 113 10.74 13.01 -27.41
CA SER B 113 11.93 12.60 -28.22
C SER B 113 13.24 12.76 -27.43
N THR B 114 13.21 12.74 -26.09
CA THR B 114 14.43 12.92 -25.25
C THR B 114 14.95 11.58 -24.72
N GLY B 115 14.18 10.51 -24.82
CA GLY B 115 14.60 9.18 -24.30
C GLY B 115 15.10 8.28 -25.42
N VAL B 116 14.47 7.11 -25.60
CA VAL B 116 14.89 6.15 -26.65
C VAL B 116 14.63 6.70 -28.05
N TYR B 117 13.87 7.79 -28.25
CA TYR B 117 13.73 8.41 -29.60
C TYR B 117 14.78 9.52 -29.84
N SER B 118 15.74 9.76 -28.93
CA SER B 118 16.71 10.87 -29.05
C SER B 118 17.81 10.63 -30.09
N GLY B 119 17.97 9.39 -30.55
CA GLY B 119 19.05 9.06 -31.48
C GLY B 119 20.40 9.24 -30.83
N GLY B 120 20.48 9.07 -29.50
CA GLY B 120 21.71 9.16 -28.71
C GLY B 120 22.16 10.59 -28.43
N LYS B 121 21.35 11.62 -28.70
CA LYS B 121 21.72 13.04 -28.52
C LYS B 121 20.95 13.61 -27.32
N ASP B 122 21.56 14.56 -26.63
CA ASP B 122 20.94 15.37 -25.55
C ASP B 122 19.99 16.37 -26.21
N ARG B 123 18.67 16.19 -26.04
CA ARG B 123 17.68 17.08 -26.75
C ARG B 123 16.82 17.88 -25.75
N LEU B 124 17.33 18.11 -24.55
CA LEU B 124 16.54 18.83 -23.51
C LEU B 124 16.13 20.21 -24.09
N THR B 125 17.09 21.00 -24.55
CA THR B 125 16.89 22.40 -24.98
C THR B 125 15.96 22.40 -26.20
N GLN B 126 16.24 21.54 -27.17
CA GLN B 126 15.40 21.42 -28.39
C GLN B 126 13.96 21.09 -28.00
N SER B 127 13.75 20.06 -27.22
CA SER B 127 12.39 19.58 -26.91
C SER B 127 11.67 20.62 -26.03
N LEU B 128 12.36 21.24 -25.09
CA LEU B 128 11.77 22.26 -24.20
C LEU B 128 11.39 23.50 -25.02
N ASN B 129 12.22 23.89 -25.98
CA ASN B 129 11.95 25.05 -26.86
C ASN B 129 10.64 24.79 -27.61
N HIS B 130 10.47 23.59 -28.19
CA HIS B 130 9.22 23.30 -28.94
C HIS B 130 8.02 23.23 -27.98
N LEU B 131 8.20 22.76 -26.75
CA LEU B 131 7.09 22.70 -25.76
C LEU B 131 6.63 24.13 -25.50
N PHE B 132 7.56 25.03 -25.20
CA PHE B 132 7.22 26.44 -24.93
C PHE B 132 6.54 27.06 -26.15
N THR B 133 7.11 26.87 -27.36
CA THR B 133 6.57 27.53 -28.57
C THR B 133 5.08 27.17 -28.71
N ALA B 134 4.72 25.93 -28.43
CA ALA B 134 3.33 25.48 -28.57
C ALA B 134 2.49 25.92 -27.37
N MET B 135 3.00 25.79 -26.16
CA MET B 135 2.13 25.87 -24.97
C MET B 135 2.04 27.33 -24.52
N ASP B 136 2.90 28.23 -24.98
CA ASP B 136 2.95 29.60 -24.43
C ASP B 136 1.57 30.27 -24.58
N SER B 137 0.88 30.03 -25.69
CA SER B 137 -0.41 30.72 -26.00
C SER B 137 -1.58 30.04 -25.27
N THR B 138 -1.38 28.93 -24.55
CA THR B 138 -2.47 28.26 -23.80
C THR B 138 -2.49 28.81 -22.37
N ASP B 139 -3.64 28.69 -21.68
CA ASP B 139 -3.76 29.22 -20.30
C ASP B 139 -3.82 28.09 -19.27
N ALA B 140 -3.60 26.83 -19.67
CA ALA B 140 -3.48 25.73 -18.71
C ALA B 140 -2.21 25.87 -17.87
N ASP B 141 -2.28 25.48 -16.59
CA ASP B 141 -1.06 25.28 -15.80
C ASP B 141 -0.34 24.06 -16.38
N VAL B 142 0.91 24.23 -16.74
CA VAL B 142 1.73 23.16 -17.36
C VAL B 142 2.76 22.66 -16.33
N VAL B 143 2.74 21.35 -16.10
CA VAL B 143 3.70 20.64 -15.22
C VAL B 143 4.52 19.70 -16.11
N ILE B 144 5.79 20.04 -16.25
CA ILE B 144 6.80 19.28 -17.04
C ILE B 144 7.40 18.21 -16.15
N TYR B 145 7.34 16.95 -16.57
CA TYR B 145 7.88 15.80 -15.79
C TYR B 145 9.22 15.41 -16.38
N CYS B 146 10.18 15.08 -15.51
CA CYS B 146 11.51 14.52 -15.88
C CYS B 146 11.91 13.51 -14.79
N ARG B 147 13.02 12.81 -15.00
CA ARG B 147 13.53 11.80 -14.01
C ARG B 147 14.93 12.15 -13.50
N ASP B 148 15.74 12.82 -14.31
CA ASP B 148 17.17 13.13 -14.04
C ASP B 148 17.28 14.41 -13.21
N LYS B 149 18.05 14.36 -12.12
CA LYS B 149 18.24 15.51 -11.19
C LYS B 149 18.80 16.72 -11.93
N GLU B 150 19.75 16.51 -12.85
CA GLU B 150 20.45 17.60 -13.58
C GLU B 150 19.52 18.18 -14.65
N TRP B 151 18.67 17.35 -15.27
CA TRP B 151 17.63 17.84 -16.22
C TRP B 151 16.60 18.71 -15.48
N GLU B 152 16.09 18.25 -14.33
CA GLU B 152 15.18 19.03 -13.47
C GLU B 152 15.77 20.44 -13.24
N LYS B 153 17.06 20.52 -12.91
CA LYS B 153 17.76 21.80 -12.65
C LYS B 153 17.77 22.68 -13.92
N LYS B 154 18.09 22.09 -15.07
CA LYS B 154 18.19 22.83 -16.36
C LYS B 154 16.79 23.33 -16.78
N ILE B 155 15.76 22.51 -16.57
CA ILE B 155 14.34 22.84 -16.96
C ILE B 155 13.84 23.95 -16.03
N SER B 156 13.99 23.74 -14.72
CA SER B 156 13.67 24.75 -13.69
C SER B 156 14.36 26.07 -14.05
N GLU B 157 15.65 26.02 -14.40
CA GLU B 157 16.42 27.25 -14.73
C GLU B 157 15.77 27.95 -15.93
N ALA B 158 15.47 27.18 -16.97
CA ALA B 158 14.89 27.70 -18.23
C ALA B 158 13.54 28.37 -17.92
N ILE B 159 12.69 27.80 -17.06
CA ILE B 159 11.36 28.40 -16.67
C ILE B 159 11.59 29.76 -16.01
N GLN B 160 12.43 29.80 -14.97
CA GLN B 160 12.64 31.01 -14.11
C GLN B 160 13.24 32.15 -14.94
N MET B 161 14.04 31.82 -15.94
CA MET B 161 14.80 32.77 -16.77
C MET B 161 13.86 33.63 -17.62
N ARG B 162 12.63 33.19 -17.90
CA ARG B 162 11.79 33.86 -18.93
C ARG B 162 10.88 34.91 -18.27
N THR B 163 10.76 34.85 -16.95
CA THR B 163 9.80 35.59 -16.09
C THR B 163 10.55 36.62 -15.25
N GLY C 1 11.76 5.29 25.03
CA GLY C 1 10.30 4.84 24.98
C GLY C 1 9.45 5.47 26.06
N ALA C 2 8.14 5.66 25.80
CA ALA C 2 7.16 6.01 26.86
C ALA C 2 7.06 4.84 27.83
N MET C 3 6.88 5.11 29.13
CA MET C 3 6.81 4.03 30.15
C MET C 3 5.59 3.14 29.90
N ALA C 4 4.49 3.68 29.42
CA ALA C 4 3.27 2.90 29.08
C ALA C 4 2.72 3.48 27.78
N PRO C 5 3.32 3.08 26.63
CA PRO C 5 2.97 3.65 25.32
C PRO C 5 1.45 3.69 25.10
N SER C 6 0.93 4.84 24.68
CA SER C 6 -0.52 5.08 24.50
C SER C 6 -0.85 5.68 23.14
N TYR C 7 -2.14 5.66 22.80
CA TYR C 7 -2.77 6.48 21.76
C TYR C 7 -3.72 7.49 22.38
N ARG C 8 -3.70 8.73 21.88
CA ARG C 8 -4.69 9.77 22.26
C ARG C 8 -5.12 10.49 20.98
N VAL C 9 -6.25 11.16 21.03
CA VAL C 9 -6.71 12.05 19.96
C VAL C 9 -7.03 13.43 20.54
N LYS C 10 -6.68 14.43 19.75
CA LYS C 10 -6.92 15.86 20.05
C LYS C 10 -7.53 16.53 18.82
N ARG C 11 -8.56 17.33 19.07
CA ARG C 11 -9.15 18.26 18.09
C ARG C 11 -8.50 19.63 18.29
N MET C 12 -7.48 19.94 17.51
CA MET C 12 -6.51 21.01 17.82
C MET C 12 -5.57 21.13 16.63
N ASP C 13 -5.06 22.33 16.37
CA ASP C 13 -4.05 22.61 15.33
C ASP C 13 -2.78 21.80 15.64
N ILE C 14 -2.38 20.91 14.74
CA ILE C 14 -1.18 20.07 14.93
C ILE C 14 0.05 21.00 14.97
N ALA C 15 -0.05 22.20 14.43
CA ALA C 15 1.10 23.12 14.46
C ALA C 15 1.39 23.64 15.88
N LYS C 16 0.46 23.37 16.82
N LYS C 16 0.47 23.45 16.84
CA LYS C 16 0.55 23.76 18.25
CA LYS C 16 0.72 23.79 18.28
C LYS C 16 0.68 22.50 19.13
C LYS C 16 0.71 22.51 19.13
N ASN C 17 1.14 21.37 18.55
CA ASN C 17 1.26 20.12 19.33
C ASN C 17 2.22 20.22 20.54
N ASP C 18 2.04 19.30 21.47
CA ASP C 18 2.84 19.14 22.71
C ASP C 18 3.67 17.86 22.69
N GLU C 19 4.09 17.41 21.51
CA GLU C 19 4.93 16.21 21.36
C GLU C 19 6.35 16.52 20.88
N GLU C 20 7.21 15.50 20.92
CA GLU C 20 8.67 15.65 20.61
C GLU C 20 8.95 15.73 19.11
N CYS C 21 8.00 15.40 18.24
CA CYS C 21 8.16 15.54 16.78
C CYS C 21 6.77 15.55 16.12
N VAL C 22 6.72 15.96 14.86
CA VAL C 22 5.45 16.13 14.11
C VAL C 22 5.56 15.37 12.80
N VAL C 23 4.45 14.78 12.38
CA VAL C 23 4.26 14.24 11.01
C VAL C 23 3.53 15.26 10.17
N ASN C 24 4.16 15.65 9.06
CA ASN C 24 3.52 16.54 8.06
C ASN C 24 2.82 15.65 7.02
N ALA C 25 1.57 15.96 6.69
CA ALA C 25 0.89 15.32 5.53
C ALA C 25 1.40 16.03 4.28
N ALA C 26 2.50 15.54 3.79
CA ALA C 26 3.36 16.20 2.76
C ALA C 26 2.89 15.89 1.34
N ASN C 27 3.44 16.64 0.36
CA ASN C 27 3.28 16.38 -1.08
C ASN C 27 4.65 15.99 -1.60
N PRO C 28 4.74 15.19 -2.68
CA PRO C 28 6.04 14.69 -3.12
C PRO C 28 7.06 15.78 -3.48
N ARG C 29 6.61 16.99 -3.82
CA ARG C 29 7.52 18.08 -4.28
C ARG C 29 8.14 18.80 -3.07
N GLY C 30 7.55 18.68 -1.89
CA GLY C 30 8.06 19.42 -0.74
C GLY C 30 7.58 20.86 -0.72
N LEU C 31 6.40 21.13 -1.28
CA LEU C 31 5.78 22.49 -1.31
C LEU C 31 4.90 22.71 -0.08
N PRO C 32 4.69 23.98 0.32
CA PRO C 32 3.75 24.33 1.38
C PRO C 32 2.37 23.67 1.26
N GLY C 33 1.85 23.53 0.04
CA GLY C 33 0.54 22.88 -0.16
C GLY C 33 -0.55 23.59 0.62
N ASP C 34 -1.56 22.83 1.06
CA ASP C 34 -2.78 23.34 1.76
C ASP C 34 -3.08 22.41 2.95
N GLY C 35 -4.06 22.78 3.78
CA GLY C 35 -4.45 21.98 4.97
C GLY C 35 -3.38 22.01 6.05
N VAL C 36 -3.03 20.85 6.63
CA VAL C 36 -1.95 20.72 7.65
C VAL C 36 -0.65 21.21 7.00
N CYS C 37 -0.35 20.75 5.78
CA CYS C 37 0.94 21.04 5.11
C CYS C 37 1.23 22.55 5.14
N LYS C 38 0.19 23.40 5.09
CA LYS C 38 0.28 24.90 5.13
C LYS C 38 0.53 25.43 6.54
N ALA C 39 -0.32 25.13 7.53
CA ALA C 39 -0.07 25.44 8.97
C ALA C 39 1.32 24.94 9.38
N VAL C 40 1.72 23.77 8.88
CA VAL C 40 3.03 23.14 9.21
C VAL C 40 4.13 23.99 8.58
N TYR C 41 3.93 24.42 7.34
CA TYR C 41 4.89 25.27 6.60
C TYR C 41 5.06 26.58 7.36
N LYS C 42 3.97 27.17 7.83
CA LYS C 42 4.01 28.48 8.54
C LYS C 42 4.76 28.30 9.87
N LYS C 43 4.61 27.15 10.56
CA LYS C 43 5.27 26.94 11.89
C LYS C 43 6.75 26.55 11.73
N TRP C 44 7.07 25.68 10.77
CA TRP C 44 8.42 25.08 10.62
C TRP C 44 8.92 25.20 9.19
N PRO C 45 8.98 26.43 8.63
CA PRO C 45 9.37 26.57 7.22
C PRO C 45 10.75 26.01 6.90
N GLU C 46 11.71 26.11 7.85
CA GLU C 46 13.09 25.61 7.65
C GLU C 46 13.10 24.10 7.39
N SER C 47 12.07 23.38 7.85
CA SER C 47 11.99 21.91 7.64
C SER C 47 11.63 21.57 6.19
N PHE C 48 11.28 22.55 5.34
CA PHE C 48 10.92 22.32 3.90
C PHE C 48 12.15 22.38 2.95
N LYS C 49 13.36 22.54 3.52
CA LYS C 49 14.66 22.42 2.81
C LYS C 49 14.87 20.97 2.32
N ASN C 50 14.74 20.75 1.01
CA ASN C 50 14.98 19.42 0.36
C ASN C 50 14.11 18.37 1.05
N SER C 51 12.86 18.71 1.34
CA SER C 51 11.85 17.83 1.98
C SER C 51 11.26 16.86 0.95
N ALA C 52 11.40 17.16 -0.35
CA ALA C 52 10.78 16.34 -1.42
C ALA C 52 11.08 14.85 -1.15
N THR C 53 10.08 13.98 -1.30
CA THR C 53 10.20 12.54 -1.09
C THR C 53 9.04 11.87 -1.81
N PRO C 54 9.23 10.66 -2.37
CA PRO C 54 8.18 10.03 -3.17
C PRO C 54 6.93 9.61 -2.37
N VAL C 55 5.85 9.44 -3.12
CA VAL C 55 4.59 8.84 -2.59
C VAL C 55 4.95 7.52 -1.92
N GLY C 56 4.37 7.30 -0.73
CA GLY C 56 4.60 6.05 0.03
C GLY C 56 5.84 6.06 0.92
N THR C 57 6.50 7.20 1.04
CA THR C 57 7.74 7.35 1.84
C THR C 57 7.59 8.45 2.87
N ALA C 58 8.57 8.51 3.78
CA ALA C 58 8.68 9.61 4.75
C ALA C 58 10.13 10.08 4.80
N LYS C 59 10.33 11.39 4.94
CA LYS C 59 11.67 11.99 5.05
C LYS C 59 11.64 12.99 6.22
N THR C 60 12.58 12.85 7.15
CA THR C 60 12.68 13.80 8.29
C THR C 60 13.63 14.95 7.96
N VAL C 61 13.17 16.17 8.18
CA VAL C 61 14.04 17.39 8.16
C VAL C 61 13.85 18.10 9.49
N MET C 62 14.98 18.48 10.10
CA MET C 62 14.97 19.25 11.37
C MET C 62 14.64 20.72 11.09
N CYS C 63 13.83 21.29 11.96
CA CYS C 63 13.62 22.73 12.13
C CYS C 63 14.30 23.10 13.44
N GLY C 64 15.52 23.62 13.40
CA GLY C 64 16.35 23.69 14.62
C GLY C 64 16.76 22.29 15.05
N THR C 65 16.29 21.79 16.21
CA THR C 65 16.42 20.38 16.61
C THR C 65 15.04 19.67 16.59
N TYR C 66 13.99 20.35 16.22
CA TYR C 66 12.62 19.78 16.25
C TYR C 66 12.38 19.00 14.95
N PRO C 67 12.19 17.65 15.00
CA PRO C 67 12.04 16.86 13.79
C PRO C 67 10.64 17.01 13.19
N VAL C 68 10.62 17.27 11.88
CA VAL C 68 9.41 17.24 11.02
C VAL C 68 9.52 16.07 10.06
N ILE C 69 8.63 15.07 10.22
CA ILE C 69 8.64 13.83 9.40
C ILE C 69 7.65 14.07 8.26
N HIS C 70 8.14 14.32 7.04
CA HIS C 70 7.29 14.61 5.88
C HIS C 70 6.85 13.25 5.30
N ALA C 71 5.60 12.89 5.50
CA ALA C 71 5.02 11.59 5.07
C ALA C 71 4.10 11.85 3.88
N VAL C 72 4.38 11.15 2.76
CA VAL C 72 3.60 11.40 1.53
C VAL C 72 2.63 10.23 1.32
N GLY C 73 1.38 10.41 1.74
CA GLY C 73 0.32 9.46 1.38
C GLY C 73 -0.07 9.68 -0.07
N PRO C 74 -0.75 8.68 -0.66
CA PRO C 74 -1.27 8.85 -2.02
C PRO C 74 -2.46 9.79 -2.07
N ASN C 75 -2.58 10.46 -3.24
CA ASN C 75 -3.77 11.25 -3.60
C ASN C 75 -4.74 10.32 -4.33
N PHE C 76 -5.83 10.01 -3.64
CA PHE C 76 -6.84 9.04 -4.19
C PHE C 76 -7.63 9.68 -5.32
N SER C 77 -7.46 10.97 -5.65
CA SER C 77 -8.00 11.51 -6.93
C SER C 77 -7.35 10.82 -8.11
N ASN C 78 -6.08 10.44 -7.95
CA ASN C 78 -5.15 10.00 -9.02
C ASN C 78 -4.90 8.48 -8.89
N TYR C 79 -4.89 7.95 -7.67
CA TYR C 79 -4.57 6.52 -7.40
C TYR C 79 -5.86 5.71 -7.42
N THR C 80 -5.81 4.48 -7.92
CA THR C 80 -6.95 3.54 -7.73
C THR C 80 -7.05 3.16 -6.25
N GLU C 81 -8.19 2.61 -5.86
CA GLU C 81 -8.36 2.09 -4.45
C GLU C 81 -7.28 1.05 -4.17
N SER C 82 -7.04 0.12 -5.08
CA SER C 82 -6.01 -0.92 -4.87
C SER C 82 -4.60 -0.33 -4.68
N GLU C 83 -4.13 0.52 -5.61
CA GLU C 83 -2.73 0.97 -5.58
C GLU C 83 -2.59 1.95 -4.41
N GLY C 84 -3.60 2.74 -4.16
CA GLY C 84 -3.55 3.75 -3.07
C GLY C 84 -3.51 3.07 -1.73
N ASP C 85 -4.26 1.97 -1.54
CA ASP C 85 -4.27 1.29 -0.24
C ASP C 85 -2.85 0.83 0.09
N ARG C 86 -2.11 0.30 -0.88
CA ARG C 86 -0.72 -0.16 -0.62
C ARG C 86 0.21 1.03 -0.30
N GLU C 87 0.06 2.13 -1.00
CA GLU C 87 0.97 3.28 -0.79
C GLU C 87 0.63 3.95 0.57
N LEU C 88 -0.62 3.94 1.01
CA LEU C 88 -1.01 4.56 2.28
C LEU C 88 -0.40 3.72 3.41
N ALA C 89 -0.50 2.40 3.31
CA ALA C 89 0.13 1.48 4.27
C ALA C 89 1.62 1.76 4.35
N ALA C 90 2.27 1.92 3.19
CA ALA C 90 3.74 2.08 3.13
C ALA C 90 4.14 3.42 3.78
N ALA C 91 3.42 4.50 3.53
CA ALA C 91 3.74 5.83 4.11
C ALA C 91 3.74 5.70 5.63
N TYR C 92 2.76 5.02 6.21
CA TYR C 92 2.73 4.87 7.67
C TYR C 92 3.87 4.01 8.19
N ARG C 93 4.21 2.92 7.49
N ARG C 93 4.23 2.93 7.48
CA ARG C 93 5.37 2.07 7.87
CA ARG C 93 5.37 2.06 7.87
C ARG C 93 6.61 2.97 7.93
C ARG C 93 6.66 2.89 7.87
N GLU C 94 6.79 3.83 6.93
CA GLU C 94 7.98 4.73 6.91
C GLU C 94 7.91 5.74 8.06
N VAL C 95 6.73 6.17 8.48
CA VAL C 95 6.62 7.06 9.68
C VAL C 95 7.11 6.28 10.90
N ALA C 96 6.69 5.02 11.08
CA ALA C 96 7.11 4.19 12.22
C ALA C 96 8.61 4.03 12.23
N LYS C 97 9.25 3.83 11.07
CA LYS C 97 10.72 3.72 11.00
C LYS C 97 11.38 5.06 11.42
N GLU C 98 10.87 6.17 10.92
CA GLU C 98 11.45 7.51 11.26
C GLU C 98 11.29 7.80 12.74
N VAL C 99 10.11 7.55 13.31
CA VAL C 99 9.91 7.79 14.78
C VAL C 99 10.91 6.95 15.56
N THR C 100 11.10 5.69 15.19
CA THR C 100 12.00 4.74 15.88
C THR C 100 13.45 5.25 15.75
N ARG C 101 13.84 5.61 14.55
CA ARG C 101 15.21 6.12 14.26
C ARG C 101 15.50 7.33 15.18
N LEU C 102 14.55 8.24 15.30
CA LEU C 102 14.79 9.50 16.06
C LEU C 102 14.89 9.27 17.57
N GLY C 103 14.38 8.18 18.12
CA GLY C 103 14.44 7.87 19.56
C GLY C 103 13.45 8.71 20.38
N VAL C 104 12.49 9.38 19.76
CA VAL C 104 11.48 10.25 20.44
C VAL C 104 10.54 9.41 21.33
N ASN C 105 10.02 10.02 22.38
CA ASN C 105 9.05 9.35 23.27
C ASN C 105 7.61 9.70 22.90
N SER C 106 7.41 10.63 21.96
CA SER C 106 6.07 11.02 21.52
C SER C 106 6.12 11.60 20.12
N VAL C 107 4.98 11.54 19.45
CA VAL C 107 4.80 11.98 18.06
C VAL C 107 3.37 12.48 17.84
N ALA C 108 3.22 13.61 17.16
CA ALA C 108 1.95 14.20 16.72
C ALA C 108 1.73 13.77 15.28
N ILE C 109 0.61 13.09 15.00
N ILE C 109 0.57 13.20 14.96
CA ILE C 109 0.29 12.51 13.66
CA ILE C 109 0.35 12.57 13.63
C ILE C 109 -1.08 12.99 13.19
C ILE C 109 -1.06 12.86 13.15
N PRO C 110 -1.24 13.32 11.89
CA PRO C 110 -2.56 13.50 11.29
C PRO C 110 -2.96 12.21 10.56
N LEU C 111 -4.22 12.09 10.16
CA LEU C 111 -4.64 10.90 9.36
C LEU C 111 -4.31 11.19 7.89
N LEU C 112 -3.32 10.50 7.39
CA LEU C 112 -2.86 10.67 6.00
C LEU C 112 -3.97 10.33 5.01
N SER C 113 -4.01 11.09 3.91
CA SER C 113 -4.88 10.88 2.75
C SER C 113 -6.36 11.05 3.13
N THR C 114 -6.70 11.84 4.17
CA THR C 114 -8.11 12.05 4.55
C THR C 114 -8.70 13.43 4.21
N GLY C 115 -7.89 14.36 3.73
CA GLY C 115 -8.39 15.71 3.34
C GLY C 115 -8.37 15.85 1.83
N VAL C 116 -7.51 16.71 1.30
CA VAL C 116 -7.46 17.02 -0.14
C VAL C 116 -6.94 15.80 -0.92
N TYR C 117 -6.29 14.83 -0.28
CA TYR C 117 -5.83 13.58 -0.95
C TYR C 117 -6.87 12.45 -0.81
N SER C 118 -8.06 12.71 -0.26
CA SER C 118 -9.08 11.66 -0.03
C SER C 118 -9.82 11.27 -1.31
N GLY C 119 -9.69 12.04 -2.39
CA GLY C 119 -10.52 11.81 -3.59
C GLY C 119 -12.01 11.91 -3.28
N GLY C 120 -12.39 12.66 -2.26
CA GLY C 120 -13.79 12.93 -1.90
C GLY C 120 -14.45 11.81 -1.10
N LYS C 121 -13.70 10.83 -0.59
CA LYS C 121 -14.29 9.69 0.15
C LYS C 121 -13.95 9.84 1.65
N ASP C 122 -14.80 9.30 2.52
CA ASP C 122 -14.52 9.25 3.97
C ASP C 122 -13.50 8.13 4.24
N ARG C 123 -12.26 8.48 4.58
CA ARG C 123 -11.15 7.49 4.78
C ARG C 123 -10.70 7.42 6.23
N LEU C 124 -11.54 7.80 7.19
CA LEU C 124 -11.17 7.74 8.63
C LEU C 124 -10.71 6.34 9.03
N THR C 125 -11.60 5.33 8.85
CA THR C 125 -11.31 3.96 9.30
C THR C 125 -10.09 3.43 8.53
N GLN C 126 -10.04 3.61 7.22
CA GLN C 126 -8.93 3.10 6.39
C GLN C 126 -7.60 3.68 6.89
N SER C 127 -7.54 4.99 7.00
CA SER C 127 -6.28 5.69 7.40
C SER C 127 -5.89 5.28 8.84
N LEU C 128 -6.86 5.29 9.76
CA LEU C 128 -6.57 4.95 11.16
C LEU C 128 -6.14 3.49 11.26
N ASN C 129 -6.75 2.55 10.50
CA ASN C 129 -6.30 1.14 10.53
C ASN C 129 -4.82 1.04 10.08
N HIS C 130 -4.42 1.75 9.02
CA HIS C 130 -3.01 1.68 8.58
C HIS C 130 -2.11 2.33 9.65
N LEU C 131 -2.57 3.39 10.29
CA LEU C 131 -1.79 4.07 11.35
C LEU C 131 -1.50 3.08 12.48
N PHE C 132 -2.52 2.35 12.93
CA PHE C 132 -2.33 1.36 14.03
C PHE C 132 -1.44 0.22 13.57
N THR C 133 -1.61 -0.29 12.34
CA THR C 133 -0.79 -1.42 11.83
C THR C 133 0.69 -1.05 11.90
N ALA C 134 1.05 0.20 11.57
CA ALA C 134 2.46 0.65 11.57
C ALA C 134 2.94 1.02 12.98
N MET C 135 2.10 1.70 13.78
CA MET C 135 2.57 2.31 15.04
C MET C 135 2.41 1.37 16.24
N ASP C 136 1.67 0.27 16.13
CA ASP C 136 1.40 -0.57 17.31
C ASP C 136 2.72 -1.13 17.84
N SER C 137 3.72 -1.41 16.97
CA SER C 137 4.98 -2.01 17.43
C SER C 137 5.99 -0.96 17.89
N THR C 138 5.66 0.32 17.85
CA THR C 138 6.49 1.42 18.40
C THR C 138 6.15 1.68 19.85
N ASP C 139 7.10 2.22 20.62
CA ASP C 139 6.89 2.56 22.05
C ASP C 139 6.73 4.06 22.26
N ALA C 140 6.50 4.85 21.22
CA ALA C 140 6.24 6.29 21.42
C ALA C 140 4.78 6.54 21.80
N ASP C 141 4.50 7.53 22.64
CA ASP C 141 3.14 8.05 22.81
C ASP C 141 2.69 8.66 21.48
N VAL C 142 1.60 8.20 20.91
CA VAL C 142 1.07 8.74 19.66
C VAL C 142 -0.10 9.63 19.95
N VAL C 143 -0.09 10.86 19.46
CA VAL C 143 -1.23 11.78 19.58
C VAL C 143 -1.74 12.13 18.19
N ILE C 144 -2.96 11.72 17.88
CA ILE C 144 -3.60 11.93 16.56
C ILE C 144 -4.34 13.24 16.60
N TYR C 145 -4.17 14.07 15.56
CA TYR C 145 -4.82 15.38 15.41
C TYR C 145 -5.91 15.31 14.33
N CYS C 146 -7.04 15.96 14.59
CA CYS C 146 -8.16 16.06 13.62
C CYS C 146 -8.86 17.41 13.77
N ARG C 147 -9.79 17.67 12.85
N ARG C 147 -9.78 17.74 12.88
CA ARG C 147 -10.34 19.03 12.55
CA ARG C 147 -10.35 19.10 12.71
C ARG C 147 -11.77 19.17 13.10
C ARG C 147 -11.73 19.19 13.34
N ASP C 148 -12.43 18.06 13.46
CA ASP C 148 -13.91 18.00 13.58
C ASP C 148 -14.29 17.07 14.74
N LYS C 149 -15.35 17.42 15.48
CA LYS C 149 -15.85 16.68 16.66
C LYS C 149 -16.36 15.28 16.27
N GLU C 150 -16.96 15.14 15.08
CA GLU C 150 -17.49 13.84 14.59
C GLU C 150 -16.30 12.86 14.46
N TRP C 151 -15.24 13.31 13.78
CA TRP C 151 -13.98 12.51 13.61
C TRP C 151 -13.33 12.27 14.98
N GLU C 152 -13.25 13.30 15.84
CA GLU C 152 -12.65 13.11 17.18
C GLU C 152 -13.38 11.97 17.92
N LYS C 153 -14.70 11.96 17.90
CA LYS C 153 -15.48 10.92 18.65
C LYS C 153 -15.23 9.52 18.06
N LYS C 154 -15.23 9.38 16.74
CA LYS C 154 -15.00 8.07 16.05
C LYS C 154 -13.56 7.58 16.30
N ILE C 155 -12.57 8.48 16.22
CA ILE C 155 -11.18 8.05 16.54
C ILE C 155 -11.07 7.64 18.00
N SER C 156 -11.64 8.45 18.88
CA SER C 156 -11.60 8.16 20.33
C SER C 156 -12.23 6.79 20.62
N GLU C 157 -13.38 6.48 20.01
CA GLU C 157 -14.06 5.15 20.15
C GLU C 157 -13.14 4.01 19.69
N ALA C 158 -12.53 4.16 18.51
CA ALA C 158 -11.61 3.15 17.93
C ALA C 158 -10.44 2.86 18.87
N ILE C 159 -9.87 3.89 19.52
CA ILE C 159 -8.73 3.73 20.44
C ILE C 159 -9.22 2.95 21.67
N GLN C 160 -10.38 3.34 22.19
CA GLN C 160 -10.89 2.76 23.46
C GLN C 160 -11.33 1.31 23.23
N MET C 161 -11.83 0.96 22.04
CA MET C 161 -12.25 -0.42 21.71
C MET C 161 -11.14 -1.42 22.06
N ARG C 162 -9.86 -1.06 21.92
CA ARG C 162 -8.73 -2.04 21.97
C ARG C 162 -8.11 -2.11 23.39
N THR C 163 -8.47 -1.19 24.28
CA THR C 163 -8.00 -1.15 25.69
C THR C 163 -9.05 -1.86 26.56
N PRO D 5 22.18 -23.39 34.00
CA PRO D 5 20.72 -23.22 33.81
C PRO D 5 20.18 -24.05 32.63
N SER D 6 20.19 -25.39 32.79
N SER D 6 20.19 -25.39 32.77
CA SER D 6 19.77 -26.38 31.76
CA SER D 6 19.83 -26.39 31.74
C SER D 6 18.95 -25.69 30.66
C SER D 6 18.89 -25.80 30.68
N TYR D 7 19.12 -26.16 29.41
CA TYR D 7 18.32 -25.72 28.25
C TYR D 7 17.71 -26.92 27.57
N ARG D 8 16.41 -26.80 27.23
CA ARG D 8 15.62 -27.77 26.43
C ARG D 8 14.81 -27.01 25.39
N VAL D 9 14.37 -27.69 24.34
CA VAL D 9 13.46 -27.10 23.32
C VAL D 9 12.28 -28.04 23.20
N LYS D 10 11.10 -27.48 23.03
CA LYS D 10 9.85 -28.22 22.77
C LYS D 10 9.17 -27.55 21.58
N ARG D 11 8.69 -28.36 20.64
CA ARG D 11 7.84 -27.92 19.51
C ARG D 11 6.39 -28.04 19.96
N MET D 12 5.83 -26.96 20.54
CA MET D 12 4.46 -26.96 21.07
C MET D 12 4.09 -25.54 21.46
N ASP D 13 2.80 -25.34 21.63
CA ASP D 13 2.18 -24.03 22.00
C ASP D 13 2.70 -23.65 23.40
N ILE D 14 3.39 -22.52 23.51
CA ILE D 14 3.94 -22.04 24.81
C ILE D 14 2.79 -21.81 25.80
N ALA D 15 1.57 -21.60 25.33
CA ALA D 15 0.40 -21.39 26.20
C ALA D 15 0.10 -22.70 26.95
N LYS D 16 0.71 -23.82 26.59
CA LYS D 16 0.54 -25.14 27.25
C LYS D 16 1.85 -25.60 27.90
N ASN D 17 2.72 -24.69 28.30
CA ASN D 17 4.04 -25.02 28.88
C ASN D 17 3.91 -25.74 30.23
N ASP D 18 4.95 -26.46 30.61
CA ASP D 18 5.05 -27.21 31.89
C ASP D 18 6.03 -26.54 32.83
N GLU D 19 6.22 -25.22 32.76
CA GLU D 19 7.20 -24.51 33.59
C GLU D 19 6.51 -23.58 34.60
N GLU D 20 7.27 -23.03 35.54
CA GLU D 20 6.73 -22.21 36.68
C GLU D 20 6.35 -20.79 36.25
N CYS D 21 6.77 -20.35 35.05
CA CYS D 21 6.40 -19.01 34.56
C CYS D 21 6.63 -18.96 33.05
N VAL D 22 6.08 -17.93 32.41
CA VAL D 22 6.13 -17.85 30.92
C VAL D 22 6.62 -16.47 30.56
N VAL D 23 7.41 -16.43 29.47
CA VAL D 23 7.80 -15.17 28.81
C VAL D 23 6.89 -14.95 27.59
N ASN D 24 6.20 -13.83 27.58
CA ASN D 24 5.38 -13.39 26.44
C ASN D 24 6.26 -12.62 25.45
N ALA D 25 6.15 -12.95 24.17
CA ALA D 25 6.72 -12.09 23.09
C ALA D 25 5.74 -10.92 22.84
N ALA D 26 5.82 -9.93 23.71
CA ALA D 26 4.84 -8.86 23.86
C ALA D 26 5.06 -7.71 22.86
N ASN D 27 4.04 -6.91 22.70
CA ASN D 27 4.15 -5.60 22.01
C ASN D 27 4.21 -4.51 23.07
N PRO D 28 4.69 -3.32 22.72
CA PRO D 28 4.91 -2.31 23.75
C PRO D 28 3.62 -1.77 24.38
N ARG D 29 2.49 -2.00 23.72
CA ARG D 29 1.20 -1.34 24.09
C ARG D 29 0.36 -2.24 24.99
N GLY D 30 0.81 -3.47 25.22
CA GLY D 30 -0.01 -4.46 25.95
C GLY D 30 -1.23 -4.87 25.18
N LEU D 31 -1.22 -4.85 23.85
CA LEU D 31 -2.34 -5.31 23.00
C LEU D 31 -2.29 -6.84 22.86
N PRO D 32 -3.44 -7.48 22.57
CA PRO D 32 -3.49 -8.93 22.34
C PRO D 32 -2.56 -9.40 21.22
N GLY D 33 -2.41 -8.62 20.15
CA GLY D 33 -1.45 -8.96 19.08
C GLY D 33 -1.84 -10.21 18.29
N ASP D 34 -0.84 -10.94 17.80
CA ASP D 34 -0.99 -12.20 17.04
C ASP D 34 0.17 -13.13 17.44
N GLY D 35 0.17 -14.37 16.94
CA GLY D 35 1.23 -15.35 17.26
C GLY D 35 1.24 -15.72 18.75
N VAL D 36 2.43 -15.87 19.30
CA VAL D 36 2.68 -16.17 20.73
C VAL D 36 1.83 -15.20 21.58
N CYS D 37 1.88 -13.90 21.27
CA CYS D 37 1.20 -12.87 22.09
C CYS D 37 -0.30 -13.19 22.14
N LYS D 38 -0.91 -13.60 21.02
CA LYS D 38 -2.38 -13.88 20.98
C LYS D 38 -2.70 -15.13 21.83
N ALA D 39 -1.84 -16.14 21.78
CA ALA D 39 -2.03 -17.39 22.55
C ALA D 39 -1.92 -17.09 24.05
N VAL D 40 -0.97 -16.25 24.41
CA VAL D 40 -0.73 -15.80 25.81
C VAL D 40 -1.98 -15.02 26.25
N TYR D 41 -2.51 -14.13 25.40
CA TYR D 41 -3.72 -13.35 25.75
C TYR D 41 -4.92 -14.29 25.99
N LYS D 42 -5.09 -15.32 25.16
CA LYS D 42 -6.25 -16.25 25.33
C LYS D 42 -6.10 -17.06 26.63
N LYS D 43 -4.87 -17.41 27.00
CA LYS D 43 -4.59 -18.31 28.18
C LYS D 43 -4.57 -17.51 29.48
N TRP D 44 -3.95 -16.33 29.52
CA TRP D 44 -3.69 -15.55 30.73
C TRP D 44 -4.14 -14.10 30.49
N PRO D 45 -5.41 -13.84 30.12
CA PRO D 45 -5.81 -12.47 29.77
C PRO D 45 -5.64 -11.50 30.94
N GLU D 46 -5.78 -11.95 32.20
CA GLU D 46 -5.64 -11.07 33.38
C GLU D 46 -4.23 -10.50 33.46
N SER D 47 -3.25 -11.17 32.84
CA SER D 47 -1.85 -10.71 32.88
C SER D 47 -1.62 -9.47 31.98
N PHE D 48 -2.60 -9.05 31.19
CA PHE D 48 -2.45 -7.86 30.32
C PHE D 48 -2.90 -6.57 31.04
N LYS D 49 -3.25 -6.63 32.34
CA LYS D 49 -3.55 -5.41 33.12
C LYS D 49 -2.27 -4.60 33.30
N ASN D 50 -2.20 -3.41 32.65
CA ASN D 50 -1.03 -2.53 32.76
C ASN D 50 0.25 -3.29 32.39
N SER D 51 0.21 -4.06 31.30
CA SER D 51 1.41 -4.80 30.82
C SER D 51 2.20 -3.95 29.82
N ALA D 52 1.70 -2.81 29.37
CA ALA D 52 2.42 -1.94 28.41
C ALA D 52 3.80 -1.61 29.00
N THR D 53 4.86 -1.64 28.17
CA THR D 53 6.24 -1.39 28.62
C THR D 53 7.06 -1.07 27.38
N PRO D 54 8.16 -0.33 27.51
CA PRO D 54 8.91 0.05 26.32
C PRO D 54 9.64 -1.15 25.69
N VAL D 55 10.07 -0.92 24.44
CA VAL D 55 11.01 -1.84 23.75
C VAL D 55 12.27 -2.05 24.60
N GLY D 56 12.76 -3.28 24.66
CA GLY D 56 13.98 -3.63 25.41
C GLY D 56 13.74 -3.84 26.88
N THR D 57 12.48 -3.88 27.33
CA THR D 57 12.13 -4.06 28.76
C THR D 57 11.26 -5.28 28.95
N ALA D 58 11.19 -5.71 30.21
CA ALA D 58 10.29 -6.83 30.57
C ALA D 58 9.45 -6.39 31.78
N LYS D 59 8.17 -6.68 31.75
CA LYS D 59 7.29 -6.33 32.89
C LYS D 59 6.48 -7.57 33.25
N THR D 60 6.58 -7.97 34.53
CA THR D 60 5.91 -9.19 35.03
C THR D 60 4.54 -8.81 35.58
N VAL D 61 3.50 -9.50 35.14
CA VAL D 61 2.12 -9.37 35.68
C VAL D 61 1.66 -10.78 36.01
N MET D 62 1.08 -10.96 37.21
CA MET D 62 0.55 -12.26 37.66
C MET D 62 -0.82 -12.54 37.01
N CYS D 63 -1.06 -13.79 36.65
CA CYS D 63 -2.40 -14.31 36.34
C CYS D 63 -2.71 -15.31 37.46
N GLY D 64 -3.51 -14.94 38.45
CA GLY D 64 -3.53 -15.73 39.69
C GLY D 64 -2.18 -15.63 40.37
N THR D 65 -1.47 -16.74 40.56
CA THR D 65 -0.11 -16.76 41.10
C THR D 65 0.89 -17.13 39.99
N TYR D 66 0.44 -17.25 38.74
CA TYR D 66 1.30 -17.66 37.60
C TYR D 66 1.90 -16.40 36.98
N PRO D 67 3.24 -16.24 36.99
CA PRO D 67 3.89 -15.04 36.46
C PRO D 67 4.03 -15.05 34.93
N VAL D 68 3.56 -13.97 34.30
CA VAL D 68 3.69 -13.77 32.83
C VAL D 68 4.67 -12.60 32.68
N ILE D 69 5.86 -12.86 32.08
CA ILE D 69 6.95 -11.88 31.97
C ILE D 69 6.80 -11.32 30.55
N HIS D 70 6.21 -10.13 30.42
CA HIS D 70 5.97 -9.54 29.08
C HIS D 70 7.29 -8.91 28.61
N ALA D 71 7.93 -9.49 27.60
CA ALA D 71 9.26 -9.02 27.14
C ALA D 71 9.08 -8.42 25.75
N VAL D 72 9.49 -7.17 25.59
CA VAL D 72 9.28 -6.44 24.31
C VAL D 72 10.57 -6.43 23.48
N GLY D 73 10.65 -7.34 22.54
CA GLY D 73 11.77 -7.31 21.57
C GLY D 73 11.49 -6.24 20.54
N PRO D 74 12.54 -5.76 19.84
CA PRO D 74 12.36 -4.81 18.78
C PRO D 74 11.73 -5.40 17.53
N ASN D 75 10.95 -4.57 16.84
CA ASN D 75 10.45 -4.86 15.48
C ASN D 75 11.52 -4.42 14.49
N PHE D 76 12.20 -5.38 13.87
CA PHE D 76 13.26 -5.05 12.88
C PHE D 76 12.69 -4.41 11.60
N SER D 77 11.39 -4.34 11.35
CA SER D 77 10.84 -3.43 10.32
C SER D 77 11.09 -1.97 10.67
N ASN D 78 11.23 -1.62 11.96
CA ASN D 78 11.32 -0.23 12.43
C ASN D 78 12.76 0.11 12.80
N TYR D 79 13.50 -0.81 13.42
CA TYR D 79 14.86 -0.58 13.94
C TYR D 79 15.88 -0.95 12.85
N THR D 80 17.00 -0.24 12.86
CA THR D 80 18.21 -0.69 12.13
C THR D 80 18.75 -1.98 12.71
N GLU D 81 19.53 -2.73 11.93
CA GLU D 81 20.21 -3.92 12.51
C GLU D 81 21.00 -3.56 13.76
N SER D 82 21.76 -2.44 13.77
CA SER D 82 22.61 -2.03 14.90
C SER D 82 21.72 -1.73 16.14
N GLU D 83 20.72 -0.84 15.99
CA GLU D 83 19.94 -0.41 17.19
C GLU D 83 19.07 -1.58 17.66
N GLY D 84 18.51 -2.35 16.75
CA GLY D 84 17.68 -3.53 17.07
C GLY D 84 18.46 -4.59 17.81
N ASP D 85 19.70 -4.86 17.40
CA ASP D 85 20.52 -5.86 18.13
C ASP D 85 20.67 -5.48 19.59
N ARG D 86 20.92 -4.21 19.89
CA ARG D 86 21.11 -3.74 21.28
C ARG D 86 19.80 -3.97 22.04
N GLU D 87 18.66 -3.62 21.46
CA GLU D 87 17.35 -3.73 22.16
C GLU D 87 16.97 -5.20 22.37
N LEU D 88 17.36 -6.10 21.47
CA LEU D 88 17.06 -7.53 21.61
C LEU D 88 17.88 -8.08 22.76
N ALA D 89 19.17 -7.73 22.85
CA ALA D 89 20.01 -8.08 24.02
C ALA D 89 19.36 -7.58 25.32
N ALA D 90 18.88 -6.35 25.32
CA ALA D 90 18.33 -5.67 26.52
C ALA D 90 17.04 -6.41 26.95
N ALA D 91 16.18 -6.77 26.02
CA ALA D 91 14.92 -7.48 26.39
C ALA D 91 15.27 -8.78 27.14
N TYR D 92 16.19 -9.57 26.62
CA TYR D 92 16.57 -10.84 27.29
C TYR D 92 17.27 -10.61 28.63
N ARG D 93 18.13 -9.60 28.71
CA ARG D 93 18.79 -9.17 29.98
C ARG D 93 17.70 -8.91 31.04
N GLU D 94 16.65 -8.17 30.68
CA GLU D 94 15.54 -7.84 31.62
C GLU D 94 14.73 -9.10 31.97
N VAL D 95 14.51 -10.02 31.03
CA VAL D 95 13.87 -11.35 31.30
C VAL D 95 14.69 -12.06 32.38
N ALA D 96 16.00 -12.15 32.19
CA ALA D 96 16.88 -12.89 33.14
C ALA D 96 16.75 -12.30 34.55
N LYS D 97 16.73 -10.96 34.66
CA LYS D 97 16.64 -10.22 35.93
C LYS D 97 15.30 -10.54 36.62
N GLU D 98 14.21 -10.65 35.85
CA GLU D 98 12.88 -11.02 36.41
C GLU D 98 12.86 -12.49 36.86
N VAL D 99 13.40 -13.40 36.06
CA VAL D 99 13.48 -14.85 36.43
C VAL D 99 14.21 -14.98 37.77
N THR D 100 15.34 -14.29 37.95
CA THR D 100 16.14 -14.36 39.21
C THR D 100 15.27 -13.81 40.34
N ARG D 101 14.69 -12.63 40.16
CA ARG D 101 13.92 -11.91 41.22
C ARG D 101 12.74 -12.78 41.67
N LEU D 102 12.05 -13.45 40.75
CA LEU D 102 10.86 -14.29 41.07
C LEU D 102 11.29 -15.56 41.80
N GLY D 103 12.54 -15.98 41.67
CA GLY D 103 13.09 -17.19 42.33
C GLY D 103 12.48 -18.47 41.81
N VAL D 104 11.98 -18.50 40.58
CA VAL D 104 11.41 -19.71 39.97
C VAL D 104 12.50 -20.75 39.69
N ASN D 105 12.08 -22.01 39.55
CA ASN D 105 12.96 -23.13 39.18
C ASN D 105 13.02 -23.29 37.65
N SER D 106 12.01 -22.81 36.94
CA SER D 106 11.87 -23.08 35.48
C SER D 106 11.13 -21.94 34.80
N VAL D 107 11.41 -21.74 33.52
CA VAL D 107 10.78 -20.67 32.67
C VAL D 107 10.62 -21.20 31.25
N ALA D 108 9.45 -20.96 30.65
CA ALA D 108 9.10 -21.18 29.24
C ALA D 108 9.39 -19.89 28.49
N ILE D 109 10.17 -19.94 27.40
N ILE D 109 10.23 -19.95 27.44
CA ILE D 109 10.64 -18.71 26.71
CA ILE D 109 10.67 -18.77 26.66
C ILE D 109 10.60 -18.93 25.19
C ILE D 109 10.48 -19.02 25.16
N PRO D 110 9.99 -18.00 24.41
CA PRO D 110 10.01 -18.05 22.96
C PRO D 110 11.20 -17.27 22.44
N LEU D 111 11.53 -17.43 21.15
CA LEU D 111 12.65 -16.65 20.56
C LEU D 111 12.11 -15.29 20.11
N LEU D 112 12.48 -14.26 20.88
CA LEU D 112 11.99 -12.89 20.65
C LEU D 112 12.43 -12.41 19.25
N SER D 113 11.58 -11.65 18.60
CA SER D 113 11.85 -10.90 17.33
C SER D 113 12.07 -11.87 16.16
N THR D 114 11.60 -13.12 16.25
CA THR D 114 11.82 -14.13 15.17
C THR D 114 10.59 -14.36 14.28
N GLY D 115 9.44 -13.78 14.63
CA GLY D 115 8.19 -13.87 13.88
C GLY D 115 7.90 -12.60 13.15
N VAL D 116 6.75 -11.97 13.41
CA VAL D 116 6.36 -10.76 12.64
C VAL D 116 7.25 -9.57 13.05
N TYR D 117 8.10 -9.66 14.07
CA TYR D 117 9.09 -8.58 14.37
C TYR D 117 10.44 -8.85 13.70
N SER D 118 10.54 -9.86 12.82
CA SER D 118 11.85 -10.26 12.23
C SER D 118 12.27 -9.38 11.04
N GLY D 119 11.42 -8.51 10.52
CA GLY D 119 11.71 -7.69 9.34
C GLY D 119 11.96 -8.60 8.15
N GLY D 120 11.35 -9.79 8.15
CA GLY D 120 11.38 -10.77 7.04
C GLY D 120 12.69 -11.56 6.94
N LYS D 121 13.53 -11.52 7.98
CA LYS D 121 14.85 -12.15 8.04
C LYS D 121 14.80 -13.33 9.00
N ASP D 122 15.66 -14.32 8.78
CA ASP D 122 15.83 -15.49 9.67
C ASP D 122 16.73 -15.05 10.82
N ARG D 123 16.17 -14.92 12.04
CA ARG D 123 16.88 -14.48 13.26
C ARG D 123 16.96 -15.58 14.32
N LEU D 124 16.83 -16.85 13.94
CA LEU D 124 16.99 -17.96 14.92
C LEU D 124 18.32 -17.84 15.66
N THR D 125 19.48 -17.82 14.96
CA THR D 125 20.80 -17.80 15.62
C THR D 125 20.98 -16.52 16.46
N GLN D 126 20.60 -15.38 15.91
CA GLN D 126 20.74 -14.08 16.59
C GLN D 126 19.94 -14.11 17.90
N SER D 127 18.67 -14.45 17.78
CA SER D 127 17.77 -14.43 18.98
C SER D 127 18.23 -15.48 20.02
N LEU D 128 18.55 -16.68 19.56
CA LEU D 128 19.06 -17.73 20.47
C LEU D 128 20.35 -17.33 21.17
N ASN D 129 21.26 -16.64 20.46
CA ASN D 129 22.57 -16.24 21.03
C ASN D 129 22.34 -15.22 22.16
N HIS D 130 21.43 -14.26 21.98
CA HIS D 130 21.09 -13.28 23.05
C HIS D 130 20.39 -13.99 24.24
N LEU D 131 19.55 -14.97 23.94
CA LEU D 131 18.84 -15.77 24.99
C LEU D 131 19.90 -16.47 25.87
N PHE D 132 20.84 -17.19 25.27
CA PHE D 132 21.87 -17.94 26.04
C PHE D 132 22.68 -16.95 26.87
N THR D 133 23.07 -15.82 26.29
CA THR D 133 23.94 -14.83 26.99
C THR D 133 23.26 -14.33 28.25
N ALA D 134 21.98 -14.01 28.17
CA ALA D 134 21.21 -13.51 29.33
C ALA D 134 20.92 -14.65 30.30
N MET D 135 20.45 -15.78 29.82
CA MET D 135 19.86 -16.79 30.72
C MET D 135 21.00 -17.58 31.39
N ASP D 136 22.21 -17.56 30.82
CA ASP D 136 23.37 -18.21 31.50
C ASP D 136 23.59 -17.63 32.89
N SER D 137 23.14 -16.41 33.16
CA SER D 137 23.33 -15.72 34.46
C SER D 137 22.31 -16.14 35.53
N THR D 138 21.31 -16.96 35.17
CA THR D 138 20.31 -17.56 36.09
C THR D 138 20.73 -18.98 36.45
N ASP D 139 19.92 -19.70 37.23
CA ASP D 139 20.14 -21.14 37.55
C ASP D 139 18.88 -21.92 37.22
N ALA D 140 17.92 -21.29 36.52
CA ALA D 140 16.60 -21.88 36.20
C ALA D 140 16.75 -22.84 35.03
N ASP D 141 15.92 -23.89 35.04
CA ASP D 141 15.70 -24.76 33.86
C ASP D 141 14.98 -23.89 32.84
N VAL D 142 15.59 -23.74 31.67
CA VAL D 142 15.01 -22.91 30.59
C VAL D 142 14.49 -23.85 29.51
N VAL D 143 13.24 -23.68 29.14
CA VAL D 143 12.59 -24.45 28.07
C VAL D 143 12.17 -23.49 26.97
N ILE D 144 12.78 -23.62 25.80
CA ILE D 144 12.50 -22.82 24.59
C ILE D 144 11.39 -23.46 23.79
N TYR D 145 10.41 -22.65 23.39
CA TYR D 145 9.22 -23.09 22.64
C TYR D 145 9.31 -22.59 21.20
N CYS D 146 9.09 -23.48 20.22
CA CYS D 146 9.04 -23.15 18.77
C CYS D 146 7.90 -23.92 18.11
N ARG D 147 7.55 -23.63 16.86
CA ARG D 147 6.41 -24.32 16.18
C ARG D 147 6.82 -25.05 14.89
N ASP D 148 8.06 -24.90 14.46
CA ASP D 148 8.59 -25.49 13.18
C ASP D 148 9.58 -26.61 13.51
N LYS D 149 9.52 -27.72 12.76
CA LYS D 149 10.42 -28.89 12.98
C LYS D 149 11.87 -28.53 12.65
N GLU D 150 12.12 -27.79 11.56
CA GLU D 150 13.52 -27.43 11.21
C GLU D 150 14.08 -26.51 12.30
N TRP D 151 13.25 -25.59 12.83
CA TRP D 151 13.70 -24.71 13.95
C TRP D 151 13.95 -25.54 15.21
N GLU D 152 13.06 -26.49 15.51
CA GLU D 152 13.27 -27.40 16.69
C GLU D 152 14.64 -28.05 16.55
N LYS D 153 14.94 -28.61 15.37
CA LYS D 153 16.21 -29.36 15.11
C LYS D 153 17.39 -28.39 15.30
N LYS D 154 17.31 -27.21 14.71
CA LYS D 154 18.39 -26.18 14.74
C LYS D 154 18.60 -25.70 16.18
N ILE D 155 17.53 -25.43 16.95
CA ILE D 155 17.69 -24.99 18.37
C ILE D 155 18.35 -26.11 19.19
N SER D 156 17.96 -27.36 19.01
CA SER D 156 18.52 -28.51 19.79
C SER D 156 20.05 -28.58 19.66
N GLU D 157 20.57 -28.38 18.45
CA GLU D 157 22.02 -28.53 18.13
C GLU D 157 22.85 -27.46 18.86
N ALA D 158 22.35 -26.21 18.94
CA ALA D 158 23.05 -25.10 19.60
C ALA D 158 23.23 -25.40 21.10
N ILE D 159 22.22 -25.99 21.73
CA ILE D 159 22.27 -26.39 23.17
C ILE D 159 23.36 -27.45 23.35
N GLN D 160 23.30 -28.53 22.56
CA GLN D 160 24.29 -29.64 22.58
C GLN D 160 25.67 -29.10 22.19
N MET D 161 25.74 -28.44 21.03
CA MET D 161 27.00 -27.92 20.44
C MET D 161 27.77 -27.09 21.47
N ARG D 162 27.07 -26.50 22.44
CA ARG D 162 27.66 -25.66 23.51
C ARG D 162 27.85 -26.51 24.77
N THR D 163 27.78 -27.84 24.62
CA THR D 163 28.17 -28.82 25.67
C THR D 163 29.57 -29.34 25.34
S DMS E . 2.93 -5.45 -6.72
O DMS E . 2.19 -5.88 -5.43
C1 DMS E . 1.85 -5.63 -8.04
C2 DMS E . 4.09 -6.74 -7.13
S DMS F . -7.31 -20.90 -12.37
O DMS F . -6.36 -21.16 -11.23
C1 DMS F . -8.92 -21.13 -11.69
C2 DMS F . -7.31 -22.39 -13.29
S DMS G . -11.15 -16.93 -24.08
O DMS G . -12.14 -16.74 -22.95
C1 DMS G . -11.50 -15.70 -25.31
C2 DMS G . -11.70 -18.35 -24.99
C TRS H . -21.21 -26.63 -2.87
C1 TRS H . -21.87 -25.32 -3.29
C2 TRS H . -20.17 -26.40 -1.76
C3 TRS H . -22.25 -27.64 -2.42
N TRS H . -20.47 -27.18 -4.07
O1 TRS H . -22.80 -25.49 -4.36
O2 TRS H . -20.76 -25.96 -0.56
O3 TRS H . -21.73 -28.96 -2.36
S DMS I . -13.31 -10.33 5.61
O DMS I . -14.28 -9.52 4.78
C1 DMS I . -12.18 -11.02 4.47
C2 DMS I . -14.14 -11.85 6.01
S DMS J . -11.58 -16.94 -17.20
O DMS J . -11.66 -16.69 -15.69
C1 DMS J . -9.87 -17.13 -17.56
C2 DMS J . -11.78 -15.35 -17.95
S DMS K . -19.28 -1.38 -21.94
O DMS K . -18.84 -0.43 -20.93
C1 DMS K . -18.56 -0.80 -23.47
C2 DMS K . -21.01 -1.07 -22.28
CL CL L . -11.46 -20.22 -15.92
CL CL M . -11.61 -12.93 -22.57
CL CL N . -3.48 -4.51 -19.51
N1 Z5C O . -5.07 -10.60 -15.66
C4 Z5C O . -5.89 -12.18 -17.25
C5 Z5C O . -6.10 -10.98 -16.39
O2 Z5C O . -7.21 -10.41 -16.37
C3 Z5C O . -6.76 -12.71 -18.22
N Z5C O . -4.81 -12.92 -17.10
O1 Z5C O . -4.97 -13.99 -18.02
C2 Z5C O . -6.15 -13.82 -18.65
C1 Z5C O . -6.51 -14.89 -19.63
O Z5C O . -7.89 -15.18 -19.54
C Z5C O . -8.66 -14.53 -20.56
S DMS P . -5.57 -4.71 -23.78
O DMS P . -5.63 -6.03 -23.01
C1 DMS P . -5.00 -3.51 -22.58
C2 DMS P . -4.12 -4.78 -24.82
S DMS Q . -0.26 -4.34 3.40
O DMS Q . -0.93 -3.30 2.54
C1 DMS Q . 1.45 -4.32 2.96
C2 DMS Q . -0.67 -5.91 2.68
S DMS R . 11.12 9.51 -22.31
O DMS R . 10.01 10.38 -22.95
C1 DMS R . 10.39 8.77 -20.90
C2 DMS R . 12.20 10.64 -21.45
S DMS S . 8.73 5.24 -26.34
O DMS S . 7.42 4.53 -26.55
C1 DMS S . 8.54 6.77 -27.26
C2 DMS S . 9.78 4.43 -27.50
S DMS T . 17.89 11.24 -20.35
O DMS T . 16.60 11.76 -20.90
C1 DMS T . 18.41 12.40 -19.11
C2 DMS T . 19.15 11.58 -21.54
CL CL U . 14.76 13.00 -17.70
CL CL V . 11.50 9.28 -26.20
CL CL W . 6.56 10.20 -6.35
N1 Z5C X . -6.45 19.55 13.69
C4 Z5C X . -5.89 18.67 11.53
C5 Z5C X . -5.57 19.54 12.69
O2 Z5C X . -4.51 20.20 12.71
C3 Z5C X . -5.59 18.90 10.18
N Z5C X . -6.50 17.52 11.71
O1 Z5C X . -6.59 16.95 10.41
C2 Z5C X . -6.01 17.80 9.54
C1 Z5C X . -5.89 17.30 8.15
O Z5C X . -5.26 16.03 8.16
C Z5C X . -4.97 15.54 6.86
S DMS Y . 5.90 31.22 13.67
O DMS Y . 7.01 30.39 13.00
C1 DMS Y . 4.66 30.14 14.19
C2 DMS Y . 5.00 32.03 12.34
S DMS Z . -1.27 17.89 0.47
O DMS Z . -0.44 16.85 1.17
C1 DMS Z . -0.24 19.32 0.31
C2 DMS Z . -2.39 18.54 1.68
CL CL AA . -4.56 14.85 2.88
S DMS BA . 7.95 -15.33 17.61
O DMS BA . 6.58 -15.42 16.98
C1 DMS BA . 8.23 -16.92 18.36
C2 DMS BA . 7.73 -14.41 19.11
C TRS CA . 15.17 1.63 26.32
C1 TRS CA . 15.38 3.14 26.16
C2 TRS CA . 16.54 0.94 26.33
C3 TRS CA . 14.40 1.28 27.59
N TRS CA . 14.41 1.17 25.09
O1 TRS CA . 15.92 3.44 24.87
O2 TRS CA . 16.42 -0.47 26.37
O3 TRS CA . 13.33 2.17 27.89
S DMS DA . -8.44 -20.80 28.85
O DMS DA . -7.16 -21.27 28.19
C1 DMS DA . -9.34 -19.87 27.62
C2 DMS DA . -8.05 -19.47 29.97
S DMS EA . 3.85 -9.39 18.09
O DMS EA . 2.65 -9.14 19.00
C1 DMS EA . 3.71 -11.02 17.43
C2 DMS EA . 5.33 -9.56 19.06
S DMS FA . 5.17 -8.65 40.22
O DMS FA . 5.98 -9.92 40.06
C1 DMS FA . 3.78 -8.83 39.15
C2 DMS FA . 6.04 -7.38 39.32
CL CL GA . 9.35 -21.53 15.15
CL CL HA . 8.13 -11.75 16.90
#